data_4PBG
#
_entry.id   4PBG
#
_cell.length_a   104.700
_cell.length_b   174.300
_cell.length_c   60.500
_cell.angle_alpha   90.00
_cell.angle_beta   90.00
_cell.angle_gamma   90.00
#
_symmetry.space_group_name_H-M   'P 21 21 2'
#
loop_
_entity.id
_entity.type
_entity.pdbx_description
1 polymer 6-PHOSPHO-BETA-D-GALACTOSIDASE
2 non-polymer 6-O-phosphono-beta-D-galactopyranose
3 water water
#
_entity_poly.entity_id   1
_entity_poly.type   'polypeptide(L)'
_entity_poly.pdbx_seq_one_letter_code
;MTKTLPKDFIFGGATAAYQAEGATHTDGKGPVAWDKYLEDNYWYTAEPASDFYHKYPVDLELAEEYGVNGIRISIAWSRI
FPTGYGEVNEKGVEFYHKLFAECHKRHVEPFVTLHHFDTPEALHSNGDFLNRENIEHFIDYAAFCFEEFPEVNYWTTFNE
IGPIGDGQYLVGKFPPGIKYDLAKVFQSHHNMMVSHARAVKLYKDKGYKGEIGVVHALPTKYPYDPENPADVRAAELEDI
IHNKFILDATYLGHYSDKTMEGVNHILAENGGELDLRDEDFQALDAAKDLNDFLGINYYMSDWMQAFDGETEIIHNGKGE
KGSSKYQIKGVGRRVAPDYVPRTDWDWIIYPEGLYDQIMRVKNDYPNYKKIYITCNGLGYKDEFVDNTVYDDGRIDYVKQ
HLEVLSDAIADGANVKGYFIWSLMDVFSWSNGYEKRYGLFYVDFDTQERYPKKSAHWYKKLAETQVIE
;
_entity_poly.pdbx_strand_id   A,B
#
# COMPACT_ATOMS: atom_id res chain seq x y z
N MET A 1 16.65 -34.11 -4.94
CA MET A 1 16.56 -34.28 -6.42
C MET A 1 15.15 -33.89 -6.93
N THR A 2 14.39 -33.19 -6.09
CA THR A 2 13.03 -32.74 -6.42
C THR A 2 13.00 -31.30 -6.97
N LYS A 3 11.82 -30.82 -7.36
CA LYS A 3 11.70 -29.45 -7.87
C LYS A 3 11.65 -28.44 -6.73
N THR A 4 11.90 -27.21 -7.07
CA THR A 4 11.91 -26.16 -6.08
C THR A 4 11.18 -24.96 -6.67
N LEU A 5 10.60 -24.13 -5.81
CA LEU A 5 9.89 -22.94 -6.24
C LEU A 5 10.67 -21.70 -5.78
N PRO A 6 10.65 -20.63 -6.58
CA PRO A 6 11.37 -19.40 -6.25
C PRO A 6 11.18 -18.95 -4.79
N LYS A 7 12.23 -18.38 -4.22
CA LYS A 7 12.20 -17.93 -2.83
C LYS A 7 11.16 -16.84 -2.54
N ASP A 8 10.70 -16.13 -3.56
CA ASP A 8 9.70 -15.07 -3.38
C ASP A 8 8.30 -15.41 -3.90
N PHE A 9 7.98 -16.70 -3.87
CA PHE A 9 6.69 -17.19 -4.34
C PHE A 9 5.63 -17.01 -3.25
N ILE A 10 4.40 -16.73 -3.68
CA ILE A 10 3.27 -16.54 -2.78
C ILE A 10 2.52 -17.86 -2.65
N PHE A 11 2.46 -18.38 -1.43
CA PHE A 11 1.79 -19.63 -1.10
C PHE A 11 0.54 -19.24 -0.37
N GLY A 12 -0.47 -18.82 -1.11
CA GLY A 12 -1.70 -18.41 -0.45
C GLY A 12 -2.86 -19.39 -0.39
N GLY A 13 -4.00 -18.85 0.03
CA GLY A 13 -5.25 -19.56 0.15
C GLY A 13 -6.29 -18.66 -0.50
N ALA A 14 -7.45 -19.18 -0.88
CA ALA A 14 -8.45 -18.34 -1.53
C ALA A 14 -9.79 -18.46 -0.86
N THR A 15 -10.62 -17.43 -0.98
CA THR A 15 -11.95 -17.41 -0.37
C THR A 15 -12.86 -16.60 -1.30
N ALA A 16 -14.12 -16.49 -0.93
CA ALA A 16 -15.10 -15.73 -1.66
C ALA A 16 -16.04 -15.18 -0.62
N ALA A 17 -16.47 -13.93 -0.78
CA ALA A 17 -17.33 -13.31 0.21
C ALA A 17 -18.53 -14.17 0.54
N TYR A 18 -19.45 -14.30 -0.41
CA TYR A 18 -20.66 -15.09 -0.24
C TYR A 18 -20.45 -16.51 0.30
N GLN A 19 -19.53 -17.27 -0.29
CA GLN A 19 -19.22 -18.62 0.18
C GLN A 19 -18.71 -18.72 1.65
N ALA A 20 -17.81 -17.81 2.03
CA ALA A 20 -17.18 -17.78 3.36
C ALA A 20 -17.86 -17.00 4.46
N GLU A 21 -18.14 -15.73 4.17
CA GLU A 21 -18.73 -14.80 5.13
C GLU A 21 -19.94 -15.16 5.98
N GLY A 22 -21.07 -15.38 5.34
CA GLY A 22 -22.26 -15.67 6.10
C GLY A 22 -22.79 -14.28 6.38
N ALA A 23 -23.52 -14.09 7.47
CA ALA A 23 -24.08 -12.80 7.83
C ALA A 23 -24.75 -12.21 6.59
N THR A 24 -25.64 -12.98 5.97
CA THR A 24 -26.29 -12.54 4.75
C THR A 24 -27.30 -11.42 4.90
N HIS A 25 -27.76 -11.21 6.13
CA HIS A 25 -28.74 -10.15 6.43
C HIS A 25 -28.30 -9.43 7.70
N THR A 26 -27.02 -9.18 7.83
CA THR A 26 -26.54 -8.53 9.03
C THR A 26 -25.69 -7.35 8.64
N ASP A 27 -25.76 -6.31 9.47
CA ASP A 27 -25.05 -5.05 9.28
C ASP A 27 -25.38 -4.49 7.90
N GLY A 28 -26.67 -4.24 7.69
CA GLY A 28 -27.14 -3.70 6.42
C GLY A 28 -26.85 -4.42 5.11
N LYS A 29 -26.47 -5.70 5.12
CA LYS A 29 -26.18 -6.38 3.86
C LYS A 29 -27.40 -6.46 2.95
N GLY A 30 -27.22 -6.07 1.70
CA GLY A 30 -28.31 -6.13 0.74
C GLY A 30 -28.42 -7.51 0.09
N PRO A 31 -29.61 -7.91 -0.37
CA PRO A 31 -29.81 -9.22 -0.99
C PRO A 31 -29.04 -9.44 -2.29
N VAL A 32 -28.73 -10.70 -2.52
CA VAL A 32 -28.03 -11.08 -3.73
C VAL A 32 -28.92 -12.16 -4.34
N ALA A 33 -28.74 -12.42 -5.63
CA ALA A 33 -29.52 -13.43 -6.35
C ALA A 33 -29.57 -14.82 -5.70
N TRP A 34 -28.43 -15.24 -5.15
CA TRP A 34 -28.31 -16.55 -4.53
C TRP A 34 -29.21 -16.73 -3.35
N ASP A 35 -29.68 -15.63 -2.81
CA ASP A 35 -30.52 -15.69 -1.64
C ASP A 35 -31.80 -16.46 -1.88
N LYS A 36 -32.52 -16.07 -2.92
CA LYS A 36 -33.77 -16.76 -3.23
C LYS A 36 -33.48 -18.03 -4.05
N TYR A 37 -32.55 -17.95 -4.97
CA TYR A 37 -32.20 -19.08 -5.83
C TYR A 37 -31.77 -20.37 -5.16
N LEU A 38 -30.75 -20.37 -4.32
CA LEU A 38 -30.31 -21.60 -3.66
C LEU A 38 -31.48 -22.22 -2.91
N GLU A 39 -32.32 -21.36 -2.36
CA GLU A 39 -33.47 -21.78 -1.58
C GLU A 39 -34.51 -22.53 -2.41
N ASP A 40 -34.73 -22.07 -3.64
CA ASP A 40 -35.70 -22.66 -4.55
C ASP A 40 -35.14 -23.75 -5.47
N ASN A 41 -33.84 -23.74 -5.71
CA ASN A 41 -33.27 -24.66 -6.66
C ASN A 41 -32.29 -25.67 -6.11
N TYR A 42 -31.80 -25.43 -4.91
CA TYR A 42 -30.82 -26.30 -4.29
C TYR A 42 -31.28 -26.78 -2.93
N TRP A 43 -30.44 -27.57 -2.27
CA TRP A 43 -30.77 -28.14 -0.96
C TRP A 43 -30.01 -27.55 0.24
N TYR A 44 -29.52 -26.33 0.10
CA TYR A 44 -28.76 -25.72 1.18
C TYR A 44 -28.80 -24.22 0.96
N THR A 45 -28.37 -23.44 1.95
CA THR A 45 -28.33 -21.98 1.81
C THR A 45 -26.97 -21.47 2.24
N ALA A 46 -26.73 -20.18 2.05
CA ALA A 46 -25.48 -19.55 2.41
C ALA A 46 -25.35 -19.23 3.88
N GLU A 47 -26.24 -19.80 4.69
CA GLU A 47 -26.22 -19.67 6.14
C GLU A 47 -25.99 -21.08 6.65
N PRO A 48 -25.06 -21.28 7.60
CA PRO A 48 -24.18 -20.35 8.28
C PRO A 48 -22.88 -20.16 7.49
N ALA A 49 -22.72 -20.94 6.42
CA ALA A 49 -21.53 -20.90 5.60
C ALA A 49 -20.36 -21.13 6.57
N SER A 50 -19.20 -20.57 6.32
CA SER A 50 -18.08 -20.74 7.21
C SER A 50 -17.88 -19.56 8.18
N ASP A 51 -18.91 -18.75 8.35
CA ASP A 51 -18.89 -17.60 9.28
C ASP A 51 -17.61 -16.76 9.29
N PHE A 52 -17.07 -16.50 8.11
CA PHE A 52 -15.85 -15.72 7.99
C PHE A 52 -15.98 -14.36 8.63
N TYR A 53 -17.20 -13.83 8.63
CA TYR A 53 -17.52 -12.52 9.17
C TYR A 53 -17.04 -12.33 10.60
N HIS A 54 -16.98 -13.40 11.36
CA HIS A 54 -16.56 -13.33 12.74
C HIS A 54 -15.31 -14.16 12.98
N LYS A 55 -15.08 -15.14 12.10
CA LYS A 55 -13.96 -16.03 12.23
C LYS A 55 -12.62 -15.59 11.73
N TYR A 56 -12.60 -14.70 10.75
CA TYR A 56 -11.36 -14.24 10.15
C TYR A 56 -10.12 -14.10 11.05
N PRO A 57 -10.27 -13.71 12.33
CA PRO A 57 -9.01 -13.63 13.09
C PRO A 57 -8.38 -15.02 13.30
N VAL A 58 -9.23 -16.02 13.56
CA VAL A 58 -8.85 -17.43 13.73
C VAL A 58 -8.26 -17.91 12.39
N ASP A 59 -9.02 -17.75 11.31
CA ASP A 59 -8.58 -18.15 9.99
C ASP A 59 -7.20 -17.54 9.66
N LEU A 60 -7.06 -16.23 9.85
CA LEU A 60 -5.78 -15.55 9.58
C LEU A 60 -4.63 -15.99 10.49
N GLU A 61 -4.92 -16.23 11.75
CA GLU A 61 -3.91 -16.69 12.70
C GLU A 61 -3.38 -18.05 12.28
N LEU A 62 -4.29 -18.95 11.92
CA LEU A 62 -3.93 -20.27 11.43
C LEU A 62 -3.17 -20.13 10.12
N ALA A 63 -3.73 -19.36 9.18
CA ALA A 63 -3.10 -19.15 7.87
C ALA A 63 -1.65 -18.74 8.05
N GLU A 64 -1.40 -17.97 9.11
CA GLU A 64 -0.06 -17.51 9.43
C GLU A 64 0.76 -18.60 10.13
N GLU A 65 0.09 -19.41 10.93
CA GLU A 65 0.76 -20.50 11.64
C GLU A 65 1.31 -21.51 10.64
N TYR A 66 0.61 -21.65 9.52
CA TYR A 66 0.97 -22.58 8.46
C TYR A 66 1.55 -21.96 7.22
N GLY A 67 2.42 -20.99 7.39
CA GLY A 67 3.08 -20.34 6.27
C GLY A 67 2.33 -19.81 5.07
N VAL A 68 1.07 -19.41 5.22
CA VAL A 68 0.30 -18.85 4.10
C VAL A 68 0.60 -17.34 4.08
N ASN A 69 1.23 -16.86 3.02
CA ASN A 69 1.59 -15.43 2.92
C ASN A 69 0.74 -14.56 1.98
N GLY A 70 -0.40 -15.06 1.53
CA GLY A 70 -1.25 -14.30 0.63
C GLY A 70 -2.68 -14.79 0.80
N ILE A 71 -3.65 -13.99 0.38
CA ILE A 71 -5.03 -14.40 0.53
C ILE A 71 -5.90 -13.62 -0.38
N ARG A 72 -6.65 -14.32 -1.21
CA ARG A 72 -7.58 -13.68 -2.10
C ARG A 72 -8.80 -13.57 -1.22
N ILE A 73 -9.45 -12.43 -1.31
CA ILE A 73 -10.65 -12.13 -0.57
C ILE A 73 -11.45 -11.33 -1.57
N SER A 74 -12.76 -11.24 -1.38
CA SER A 74 -13.56 -10.43 -2.28
C SER A 74 -14.39 -9.49 -1.44
N ILE A 75 -14.69 -8.33 -2.02
CA ILE A 75 -15.53 -7.38 -1.34
C ILE A 75 -16.93 -7.62 -1.86
N ALA A 76 -17.89 -7.78 -0.94
CA ALA A 76 -19.28 -8.00 -1.27
C ALA A 76 -19.95 -6.72 -1.70
N TRP A 77 -19.92 -6.42 -3.00
CA TRP A 77 -20.55 -5.22 -3.53
C TRP A 77 -21.87 -4.85 -2.82
N SER A 78 -22.62 -5.85 -2.39
CA SER A 78 -23.91 -5.63 -1.75
C SER A 78 -23.83 -5.35 -0.26
N ARG A 79 -22.62 -5.17 0.24
CA ARG A 79 -22.41 -4.91 1.65
C ARG A 79 -22.00 -3.46 1.83
N ILE A 80 -21.48 -2.89 0.73
CA ILE A 80 -21.04 -1.52 0.66
C ILE A 80 -22.20 -0.71 0.11
N PHE A 81 -22.76 -1.16 -0.99
CA PHE A 81 -23.92 -0.52 -1.63
C PHE A 81 -25.03 -1.57 -1.64
N PRO A 82 -25.79 -1.67 -0.54
CA PRO A 82 -26.88 -2.65 -0.45
C PRO A 82 -27.90 -2.66 -1.61
N THR A 83 -27.72 -1.77 -2.60
CA THR A 83 -28.61 -1.69 -3.74
C THR A 83 -27.83 -1.44 -5.01
N GLY A 84 -26.51 -1.51 -4.90
CA GLY A 84 -25.67 -1.31 -6.07
C GLY A 84 -25.14 0.10 -6.24
N TYR A 85 -25.90 1.06 -5.74
CA TYR A 85 -25.51 2.46 -5.84
C TYR A 85 -26.29 3.31 -4.84
N GLY A 86 -25.84 4.55 -4.66
CA GLY A 86 -26.49 5.46 -3.73
C GLY A 86 -25.89 5.38 -2.36
N GLU A 87 -26.72 5.13 -1.36
CA GLU A 87 -26.28 5.05 0.01
C GLU A 87 -25.21 4.00 0.25
N VAL A 88 -24.24 4.36 1.08
CA VAL A 88 -23.17 3.46 1.42
C VAL A 88 -23.52 2.91 2.79
N ASN A 89 -23.15 1.65 3.04
CA ASN A 89 -23.40 0.97 4.29
C ASN A 89 -22.11 1.06 5.08
N GLU A 90 -22.10 1.96 6.06
CA GLU A 90 -20.96 2.20 6.94
C GLU A 90 -20.37 0.90 7.49
N LYS A 91 -21.19 0.16 8.23
CA LYS A 91 -20.79 -1.09 8.84
C LYS A 91 -20.13 -2.05 7.86
N GLY A 92 -20.55 -1.99 6.59
CA GLY A 92 -19.95 -2.85 5.59
C GLY A 92 -18.51 -2.47 5.40
N VAL A 93 -18.30 -1.19 5.13
CA VAL A 93 -16.97 -0.64 4.93
C VAL A 93 -16.08 -0.87 6.16
N GLU A 94 -16.66 -0.71 7.34
CA GLU A 94 -15.97 -0.95 8.60
C GLU A 94 -15.43 -2.36 8.68
N PHE A 95 -16.25 -3.32 8.25
CA PHE A 95 -15.87 -4.72 8.30
C PHE A 95 -14.62 -5.01 7.50
N TYR A 96 -14.57 -4.50 6.28
CA TYR A 96 -13.44 -4.76 5.40
C TYR A 96 -12.13 -4.20 5.86
N HIS A 97 -12.20 -3.02 6.46
CA HIS A 97 -11.04 -2.36 6.99
C HIS A 97 -10.51 -3.24 8.13
N LYS A 98 -11.40 -3.82 8.94
CA LYS A 98 -10.93 -4.65 10.04
C LYS A 98 -10.16 -5.77 9.43
N LEU A 99 -10.87 -6.55 8.61
CA LEU A 99 -10.35 -7.70 7.89
C LEU A 99 -8.99 -7.37 7.30
N PHE A 100 -8.94 -6.32 6.47
CA PHE A 100 -7.68 -5.94 5.84
C PHE A 100 -6.57 -5.72 6.91
N ALA A 101 -6.93 -5.12 8.04
CA ALA A 101 -5.97 -4.83 9.11
C ALA A 101 -5.43 -6.10 9.68
N GLU A 102 -6.32 -7.07 9.86
CA GLU A 102 -5.95 -8.37 10.40
C GLU A 102 -5.02 -9.10 9.50
N CYS A 103 -5.18 -8.87 8.21
CA CYS A 103 -4.33 -9.52 7.23
C CYS A 103 -2.94 -8.98 7.40
N HIS A 104 -2.80 -7.65 7.35
CA HIS A 104 -1.49 -7.02 7.49
C HIS A 104 -0.83 -7.39 8.82
N LYS A 105 -1.66 -7.47 9.85
CA LYS A 105 -1.19 -7.83 11.16
C LYS A 105 -0.62 -9.25 11.11
N ARG A 106 -1.32 -10.14 10.41
CA ARG A 106 -0.91 -11.53 10.30
C ARG A 106 0.01 -11.81 9.15
N HIS A 107 0.51 -10.77 8.50
CA HIS A 107 1.43 -10.90 7.36
C HIS A 107 0.92 -11.63 6.13
N VAL A 108 -0.39 -11.68 5.99
CA VAL A 108 -1.01 -12.35 4.87
C VAL A 108 -1.42 -11.25 3.90
N GLU A 109 -0.77 -11.16 2.73
CA GLU A 109 -1.08 -10.12 1.76
C GLU A 109 -2.44 -10.26 1.06
N PRO A 110 -3.32 -9.27 1.21
CA PRO A 110 -4.63 -9.37 0.58
C PRO A 110 -4.70 -9.07 -0.92
N PHE A 111 -5.27 -10.01 -1.66
CA PHE A 111 -5.47 -9.85 -3.08
C PHE A 111 -6.98 -9.70 -3.10
N VAL A 112 -7.43 -8.49 -3.42
CA VAL A 112 -8.85 -8.22 -3.38
C VAL A 112 -9.56 -8.24 -4.72
N THR A 113 -10.71 -8.88 -4.73
CA THR A 113 -11.53 -9.01 -5.93
C THR A 113 -12.78 -8.17 -5.68
N LEU A 114 -13.15 -7.33 -6.64
CA LEU A 114 -14.34 -6.48 -6.49
C LEU A 114 -15.65 -7.25 -6.74
N HIS A 115 -15.61 -8.20 -7.66
CA HIS A 115 -16.79 -8.99 -8.00
C HIS A 115 -16.50 -10.50 -8.09
N HIS A 116 -17.21 -11.30 -7.29
CA HIS A 116 -17.06 -12.76 -7.30
C HIS A 116 -18.44 -13.45 -7.31
N PHE A 117 -19.04 -13.56 -8.47
CA PHE A 117 -20.36 -14.17 -8.63
C PHE A 117 -21.48 -13.54 -7.79
N ASP A 118 -21.33 -12.29 -7.37
CA ASP A 118 -22.37 -11.66 -6.53
C ASP A 118 -22.80 -10.20 -6.80
N THR A 119 -23.52 -9.99 -7.88
CA THR A 119 -24.02 -8.65 -8.20
C THR A 119 -25.15 -8.38 -7.22
N PRO A 120 -25.24 -7.14 -6.69
CA PRO A 120 -26.34 -6.88 -5.76
C PRO A 120 -27.62 -7.32 -6.49
N GLU A 121 -28.48 -8.05 -5.80
CA GLU A 121 -29.71 -8.54 -6.42
C GLU A 121 -30.48 -7.54 -7.30
N ALA A 122 -30.84 -6.40 -6.70
CA ALA A 122 -31.59 -5.34 -7.39
C ALA A 122 -31.09 -5.08 -8.80
N LEU A 123 -29.77 -5.06 -8.96
CA LEU A 123 -29.16 -4.87 -10.27
C LEU A 123 -29.16 -6.14 -11.13
N HIS A 124 -28.97 -7.30 -10.49
CA HIS A 124 -28.90 -8.58 -11.19
C HIS A 124 -30.20 -8.92 -11.91
N SER A 125 -31.27 -8.82 -11.14
CA SER A 125 -32.61 -9.08 -11.66
C SER A 125 -32.97 -8.11 -12.77
N ASN A 126 -32.15 -7.07 -12.98
CA ASN A 126 -32.39 -6.10 -14.03
C ASN A 126 -31.46 -6.30 -15.22
N GLY A 127 -31.11 -7.55 -15.48
CA GLY A 127 -30.23 -7.84 -16.59
C GLY A 127 -28.78 -8.05 -16.21
N ASP A 128 -28.44 -7.89 -14.93
CA ASP A 128 -27.04 -8.10 -14.51
C ASP A 128 -26.13 -7.25 -15.41
N PHE A 129 -25.08 -7.85 -15.99
CA PHE A 129 -24.16 -7.11 -16.86
C PHE A 129 -24.56 -7.08 -18.33
N LEU A 130 -25.72 -7.64 -18.64
CA LEU A 130 -26.22 -7.56 -20.01
C LEU A 130 -26.77 -6.16 -20.19
N ASN A 131 -27.23 -5.59 -19.08
CA ASN A 131 -27.76 -4.24 -19.02
C ASN A 131 -26.59 -3.27 -18.86
N ARG A 132 -26.33 -2.48 -19.89
CA ARG A 132 -25.23 -1.56 -19.83
C ARG A 132 -25.25 -0.53 -18.69
N GLU A 133 -26.40 -0.35 -18.06
CA GLU A 133 -26.48 0.61 -16.94
C GLU A 133 -25.62 0.13 -15.78
N ASN A 134 -25.66 -1.18 -15.53
CA ASN A 134 -24.90 -1.77 -14.43
C ASN A 134 -23.42 -1.68 -14.67
N ILE A 135 -23.01 -1.45 -15.91
CA ILE A 135 -21.60 -1.30 -16.16
C ILE A 135 -21.17 -0.05 -15.38
N GLU A 136 -21.97 1.00 -15.48
CA GLU A 136 -21.73 2.27 -14.80
C GLU A 136 -21.67 2.02 -13.32
N HIS A 137 -22.72 1.38 -12.79
CA HIS A 137 -22.79 1.09 -11.37
C HIS A 137 -21.56 0.40 -10.86
N PHE A 138 -20.92 -0.39 -11.71
CA PHE A 138 -19.72 -1.11 -11.34
C PHE A 138 -18.56 -0.14 -11.21
N ILE A 139 -18.27 0.61 -12.28
CA ILE A 139 -17.17 1.55 -12.26
C ILE A 139 -17.22 2.49 -11.05
N ASP A 140 -18.42 2.95 -10.70
CA ASP A 140 -18.61 3.82 -9.55
C ASP A 140 -18.29 3.04 -8.27
N TYR A 141 -18.71 1.77 -8.21
CA TYR A 141 -18.46 0.90 -7.06
C TYR A 141 -16.98 0.61 -6.92
N ALA A 142 -16.29 0.50 -8.05
CA ALA A 142 -14.85 0.25 -8.08
C ALA A 142 -14.12 1.52 -7.55
N ALA A 143 -14.39 2.67 -8.16
CA ALA A 143 -13.80 3.96 -7.75
C ALA A 143 -13.97 4.20 -6.22
N PHE A 144 -15.14 3.84 -5.70
CA PHE A 144 -15.36 3.97 -4.27
C PHE A 144 -14.35 3.12 -3.53
N CYS A 145 -14.35 1.82 -3.81
CA CYS A 145 -13.41 0.90 -3.18
C CYS A 145 -11.93 1.27 -3.34
N PHE A 146 -11.55 1.77 -4.51
CA PHE A 146 -10.14 2.12 -4.75
C PHE A 146 -9.67 3.20 -3.78
N GLU A 147 -10.51 4.21 -3.69
CA GLU A 147 -10.34 5.40 -2.86
C GLU A 147 -10.39 5.05 -1.39
N GLU A 148 -11.41 4.29 -1.00
CA GLU A 148 -11.62 3.92 0.39
C GLU A 148 -10.65 2.92 1.04
N PHE A 149 -10.09 2.01 0.26
CA PHE A 149 -9.20 1.01 0.84
C PHE A 149 -7.74 1.12 0.40
N PRO A 150 -7.02 2.17 0.86
CA PRO A 150 -5.62 2.30 0.47
C PRO A 150 -4.74 1.25 1.10
N GLU A 151 -5.30 0.46 2.02
CA GLU A 151 -4.56 -0.62 2.67
C GLU A 151 -4.21 -1.76 1.73
N VAL A 152 -4.94 -1.86 0.62
CA VAL A 152 -4.77 -2.90 -0.35
C VAL A 152 -3.82 -2.55 -1.46
N ASN A 153 -2.81 -3.40 -1.61
CA ASN A 153 -1.79 -3.25 -2.64
C ASN A 153 -2.09 -4.02 -3.94
N TYR A 154 -3.05 -4.94 -3.91
CA TYR A 154 -3.37 -5.75 -5.10
C TYR A 154 -4.86 -5.84 -5.37
N TRP A 155 -5.28 -5.36 -6.52
CA TRP A 155 -6.69 -5.42 -6.86
C TRP A 155 -6.98 -6.26 -8.09
N THR A 156 -8.14 -6.91 -8.09
CA THR A 156 -8.59 -7.66 -9.25
C THR A 156 -10.06 -7.21 -9.42
N THR A 157 -10.52 -7.07 -10.66
CA THR A 157 -11.90 -6.64 -10.84
C THR A 157 -12.90 -7.79 -10.72
N PHE A 158 -12.98 -8.64 -11.75
CA PHE A 158 -13.91 -9.77 -11.73
C PHE A 158 -13.24 -11.10 -11.59
N ASN A 159 -13.93 -12.05 -10.98
CA ASN A 159 -13.41 -13.38 -10.83
C ASN A 159 -14.18 -14.33 -11.77
N GLU A 160 -13.44 -14.88 -12.73
CA GLU A 160 -14.01 -15.84 -13.66
C GLU A 160 -15.23 -15.42 -14.46
N ILE A 161 -15.02 -14.56 -15.45
CA ILE A 161 -16.08 -14.08 -16.33
C ILE A 161 -16.66 -15.23 -17.14
N GLY A 162 -15.79 -16.06 -17.72
CA GLY A 162 -16.25 -17.20 -18.48
C GLY A 162 -17.26 -17.97 -17.66
N PRO A 163 -16.87 -18.53 -16.50
CA PRO A 163 -17.74 -19.31 -15.61
C PRO A 163 -19.00 -18.59 -15.12
N ILE A 164 -19.08 -17.28 -15.32
CA ILE A 164 -20.28 -16.53 -14.93
C ILE A 164 -21.26 -16.70 -16.08
N GLY A 165 -20.82 -16.39 -17.29
CA GLY A 165 -21.70 -16.53 -18.45
C GLY A 165 -22.13 -17.98 -18.60
N ASP A 166 -21.17 -18.87 -18.33
CA ASP A 166 -21.35 -20.31 -18.41
C ASP A 166 -22.44 -20.77 -17.44
N GLY A 167 -22.23 -20.59 -16.14
CA GLY A 167 -23.24 -21.04 -15.18
C GLY A 167 -24.55 -20.27 -15.20
N GLN A 168 -24.54 -19.09 -15.80
CA GLN A 168 -25.71 -18.24 -15.83
C GLN A 168 -26.58 -18.32 -17.10
N TYR A 169 -25.94 -18.42 -18.25
CA TYR A 169 -26.67 -18.43 -19.48
C TYR A 169 -26.54 -19.70 -20.32
N LEU A 170 -25.52 -20.50 -20.02
CA LEU A 170 -25.26 -21.74 -20.73
C LEU A 170 -25.69 -23.02 -20.00
N VAL A 171 -25.19 -23.21 -18.78
CA VAL A 171 -25.50 -24.40 -17.98
C VAL A 171 -26.77 -24.22 -17.18
N GLY A 172 -27.07 -22.96 -16.87
CA GLY A 172 -28.25 -22.66 -16.09
C GLY A 172 -28.16 -23.03 -14.62
N LYS A 173 -26.94 -23.11 -14.07
CA LYS A 173 -26.82 -23.47 -12.65
C LYS A 173 -26.65 -22.29 -11.69
N PHE A 174 -26.34 -21.12 -12.25
CA PHE A 174 -26.20 -19.91 -11.45
C PHE A 174 -27.43 -19.11 -11.86
N PRO A 175 -27.97 -18.29 -10.96
CA PRO A 175 -29.15 -17.47 -11.29
C PRO A 175 -28.78 -16.59 -12.49
N PRO A 176 -29.75 -16.28 -13.37
CA PRO A 176 -31.16 -16.67 -13.41
C PRO A 176 -31.51 -18.14 -13.78
N GLY A 177 -30.51 -18.99 -14.01
CA GLY A 177 -30.81 -20.37 -14.35
C GLY A 177 -31.24 -20.52 -15.81
N ILE A 178 -30.64 -19.71 -16.67
CA ILE A 178 -30.94 -19.77 -18.09
C ILE A 178 -30.07 -20.80 -18.78
N LYS A 179 -30.59 -21.39 -19.85
CA LYS A 179 -29.81 -22.40 -20.52
C LYS A 179 -29.62 -22.26 -22.01
N TYR A 180 -28.44 -22.61 -22.46
CA TYR A 180 -28.13 -22.62 -23.87
C TYR A 180 -28.15 -21.28 -24.59
N ASP A 181 -28.23 -20.19 -23.85
CA ASP A 181 -28.24 -18.87 -24.49
C ASP A 181 -26.81 -18.40 -24.88
N LEU A 182 -26.28 -18.92 -25.98
CA LEU A 182 -24.94 -18.54 -26.42
C LEU A 182 -24.80 -17.08 -26.85
N ALA A 183 -25.91 -16.37 -26.97
CA ALA A 183 -25.85 -14.96 -27.34
C ALA A 183 -25.57 -14.14 -26.08
N LYS A 184 -26.29 -14.48 -25.02
CA LYS A 184 -26.14 -13.83 -23.74
C LYS A 184 -24.73 -14.13 -23.23
N VAL A 185 -24.31 -15.38 -23.29
CA VAL A 185 -22.97 -15.76 -22.86
C VAL A 185 -21.94 -14.81 -23.45
N PHE A 186 -21.83 -14.81 -24.77
CA PHE A 186 -20.86 -13.95 -25.44
C PHE A 186 -21.02 -12.45 -25.15
N GLN A 187 -22.25 -11.99 -24.98
CA GLN A 187 -22.50 -10.59 -24.70
C GLN A 187 -21.94 -10.27 -23.34
N SER A 188 -22.32 -11.06 -22.34
CA SER A 188 -21.85 -10.90 -20.98
C SER A 188 -20.30 -10.93 -20.93
N HIS A 189 -19.69 -11.77 -21.75
CA HIS A 189 -18.23 -11.86 -21.80
C HIS A 189 -17.65 -10.54 -22.29
N HIS A 190 -18.36 -9.92 -23.22
CA HIS A 190 -17.95 -8.66 -23.81
C HIS A 190 -18.25 -7.49 -22.88
N ASN A 191 -19.48 -7.43 -22.34
CA ASN A 191 -19.90 -6.35 -21.45
C ASN A 191 -19.06 -6.32 -20.19
N MET A 192 -18.95 -7.48 -19.53
CA MET A 192 -18.15 -7.59 -18.30
C MET A 192 -16.72 -7.16 -18.56
N MET A 193 -16.13 -7.62 -19.66
CA MET A 193 -14.76 -7.22 -19.99
C MET A 193 -14.65 -5.71 -20.26
N VAL A 194 -15.70 -5.08 -20.78
CA VAL A 194 -15.66 -3.65 -20.98
C VAL A 194 -15.66 -3.01 -19.57
N SER A 195 -16.49 -3.53 -18.66
CA SER A 195 -16.55 -3.04 -17.29
C SER A 195 -15.16 -3.07 -16.65
N HIS A 196 -14.39 -4.11 -16.96
CA HIS A 196 -13.03 -4.29 -16.44
C HIS A 196 -12.11 -3.25 -17.06
N ALA A 197 -12.00 -3.26 -18.39
CA ALA A 197 -11.16 -2.31 -19.11
C ALA A 197 -11.32 -0.89 -18.55
N ARG A 198 -12.55 -0.48 -18.25
CA ARG A 198 -12.77 0.86 -17.71
C ARG A 198 -12.21 1.05 -16.31
N ALA A 199 -12.56 0.17 -15.39
CA ALA A 199 -12.07 0.25 -14.01
C ALA A 199 -10.55 0.24 -13.92
N VAL A 200 -9.87 -0.47 -14.83
CA VAL A 200 -8.40 -0.52 -14.80
C VAL A 200 -7.82 0.78 -15.31
N LYS A 201 -8.43 1.32 -16.37
CA LYS A 201 -8.00 2.59 -16.95
C LYS A 201 -8.07 3.57 -15.79
N LEU A 202 -9.21 3.55 -15.13
CA LEU A 202 -9.45 4.43 -14.01
C LEU A 202 -8.42 4.30 -12.87
N TYR A 203 -8.15 3.08 -12.39
CA TYR A 203 -7.16 2.88 -11.31
C TYR A 203 -5.80 3.41 -11.73
N LYS A 204 -5.48 3.32 -13.01
CA LYS A 204 -4.20 3.77 -13.52
C LYS A 204 -4.12 5.30 -13.65
N ASP A 205 -5.17 5.90 -14.22
CA ASP A 205 -5.24 7.37 -14.38
C ASP A 205 -5.06 8.07 -13.05
N LYS A 206 -5.93 7.76 -12.08
CA LYS A 206 -5.84 8.33 -10.74
C LYS A 206 -4.58 7.86 -9.99
N GLY A 207 -3.65 7.25 -10.74
CA GLY A 207 -2.39 6.79 -10.18
C GLY A 207 -2.31 6.27 -8.77
N TYR A 208 -3.07 5.23 -8.44
CA TYR A 208 -3.00 4.62 -7.11
C TYR A 208 -1.73 3.78 -7.12
N LYS A 209 -1.23 3.47 -5.94
CA LYS A 209 0.04 2.74 -5.76
C LYS A 209 0.21 1.24 -6.10
N GLY A 210 -0.79 0.40 -5.80
CA GLY A 210 -0.69 -1.03 -6.04
C GLY A 210 -0.76 -1.57 -7.46
N GLU A 211 -1.19 -2.84 -7.58
CA GLU A 211 -1.34 -3.53 -8.88
C GLU A 211 -2.79 -3.95 -9.14
N ILE A 212 -3.24 -3.82 -10.37
CA ILE A 212 -4.60 -4.16 -10.75
C ILE A 212 -4.52 -5.27 -11.86
N GLY A 213 -5.32 -6.33 -11.74
CA GLY A 213 -5.32 -7.41 -12.72
C GLY A 213 -6.65 -8.15 -12.86
N VAL A 214 -6.69 -9.21 -13.68
CA VAL A 214 -7.92 -10.00 -13.87
C VAL A 214 -7.71 -11.44 -13.43
N VAL A 215 -8.77 -12.11 -12.99
CA VAL A 215 -8.71 -13.52 -12.57
C VAL A 215 -9.57 -14.36 -13.54
N HIS A 216 -8.90 -15.05 -14.47
CA HIS A 216 -9.56 -15.84 -15.50
C HIS A 216 -9.47 -17.35 -15.32
N ALA A 217 -10.54 -18.04 -15.70
CA ALA A 217 -10.60 -19.49 -15.65
C ALA A 217 -10.14 -19.97 -17.01
N LEU A 218 -9.12 -20.81 -17.05
CA LEU A 218 -8.64 -21.24 -18.33
C LEU A 218 -8.48 -22.73 -18.46
N PRO A 219 -9.61 -23.48 -18.53
CA PRO A 219 -9.52 -24.94 -18.66
C PRO A 219 -9.03 -25.21 -20.09
N THR A 220 -7.97 -25.99 -20.20
CA THR A 220 -7.38 -26.33 -21.48
C THR A 220 -8.39 -27.21 -22.24
N LYS A 221 -8.56 -26.94 -23.53
CA LYS A 221 -9.48 -27.69 -24.37
C LYS A 221 -8.60 -28.41 -25.36
N TYR A 222 -8.74 -29.74 -25.41
CA TYR A 222 -8.00 -30.61 -26.29
C TYR A 222 -8.96 -31.36 -27.20
N PRO A 223 -8.53 -31.67 -28.44
CA PRO A 223 -9.46 -32.40 -29.32
C PRO A 223 -9.32 -33.85 -28.84
N TYR A 224 -10.41 -34.62 -28.86
CA TYR A 224 -10.35 -36.00 -28.39
C TYR A 224 -9.32 -36.78 -29.23
N ASP A 225 -9.42 -36.68 -30.54
CA ASP A 225 -8.48 -37.37 -31.41
C ASP A 225 -7.77 -36.30 -32.25
N PRO A 226 -6.55 -35.91 -31.85
CA PRO A 226 -5.75 -34.90 -32.54
C PRO A 226 -5.72 -35.07 -34.05
N GLU A 227 -5.77 -36.31 -34.50
CA GLU A 227 -5.74 -36.63 -35.93
C GLU A 227 -7.01 -36.29 -36.65
N ASN A 228 -8.13 -36.24 -35.94
CA ASN A 228 -9.38 -35.90 -36.57
C ASN A 228 -9.57 -34.36 -36.55
N PRO A 229 -9.56 -33.72 -37.75
CA PRO A 229 -9.74 -32.28 -37.92
C PRO A 229 -11.08 -31.84 -37.37
N ALA A 230 -12.04 -32.77 -37.37
CA ALA A 230 -13.37 -32.49 -36.84
C ALA A 230 -13.29 -32.28 -35.34
N ASP A 231 -12.37 -32.99 -34.69
CA ASP A 231 -12.17 -32.87 -33.25
C ASP A 231 -11.42 -31.57 -32.96
N VAL A 232 -10.38 -31.31 -33.74
CA VAL A 232 -9.59 -30.11 -33.60
C VAL A 232 -10.52 -28.90 -33.64
N ARG A 233 -11.29 -28.77 -34.71
CA ARG A 233 -12.24 -27.67 -34.88
C ARG A 233 -13.13 -27.53 -33.65
N ALA A 234 -13.60 -28.67 -33.13
CA ALA A 234 -14.48 -28.69 -31.98
C ALA A 234 -13.84 -28.09 -30.72
N ALA A 235 -12.60 -28.48 -30.42
CA ALA A 235 -11.89 -27.95 -29.25
C ALA A 235 -11.63 -26.45 -29.47
N GLU A 236 -11.29 -26.11 -30.70
CA GLU A 236 -11.01 -24.74 -31.03
C GLU A 236 -12.21 -23.84 -30.75
N LEU A 237 -13.40 -24.27 -31.18
CA LEU A 237 -14.59 -23.48 -30.92
C LEU A 237 -14.94 -23.45 -29.46
N GLU A 238 -14.75 -24.58 -28.80
CA GLU A 238 -15.05 -24.72 -27.37
C GLU A 238 -14.16 -23.77 -26.57
N ASP A 239 -12.88 -23.76 -26.93
CA ASP A 239 -11.89 -22.89 -26.32
C ASP A 239 -12.28 -21.43 -26.58
N ILE A 240 -12.80 -21.15 -27.78
CA ILE A 240 -13.25 -19.78 -28.11
C ILE A 240 -14.39 -19.32 -27.18
N ILE A 241 -15.32 -20.21 -26.86
CA ILE A 241 -16.45 -19.86 -26.00
C ILE A 241 -15.98 -19.58 -24.58
N HIS A 242 -15.05 -20.39 -24.10
CA HIS A 242 -14.56 -20.28 -22.73
C HIS A 242 -13.31 -19.48 -22.45
N ASN A 243 -12.39 -19.45 -23.41
CA ASN A 243 -11.14 -18.77 -23.25
C ASN A 243 -10.80 -17.65 -24.24
N LYS A 244 -10.52 -17.95 -25.50
CA LYS A 244 -10.13 -16.92 -26.48
C LYS A 244 -10.88 -15.60 -26.54
N PHE A 245 -12.21 -15.65 -26.59
CA PHE A 245 -13.01 -14.43 -26.66
C PHE A 245 -12.54 -13.42 -25.60
N ILE A 246 -12.62 -13.85 -24.33
CA ILE A 246 -12.22 -13.05 -23.18
C ILE A 246 -10.73 -12.67 -23.22
N LEU A 247 -9.83 -13.65 -23.30
CA LEU A 247 -8.41 -13.38 -23.38
C LEU A 247 -8.15 -12.27 -24.40
N ASP A 248 -8.65 -12.45 -25.63
CA ASP A 248 -8.46 -11.46 -26.68
C ASP A 248 -8.83 -10.03 -26.28
N ALA A 249 -9.94 -9.86 -25.60
CA ALA A 249 -10.37 -8.56 -25.17
C ALA A 249 -9.37 -8.01 -24.13
N THR A 250 -8.85 -8.94 -23.32
CA THR A 250 -7.91 -8.61 -22.25
C THR A 250 -6.54 -8.19 -22.74
N TYR A 251 -6.23 -8.44 -24.01
CA TYR A 251 -4.90 -8.10 -24.51
C TYR A 251 -4.82 -7.53 -25.91
N LEU A 252 -5.61 -8.06 -26.82
CA LEU A 252 -5.61 -7.53 -28.17
C LEU A 252 -6.47 -6.25 -28.24
N GLY A 253 -7.32 -6.03 -27.24
CA GLY A 253 -8.19 -4.88 -27.26
C GLY A 253 -9.37 -5.08 -28.22
N HIS A 254 -9.36 -6.22 -28.92
CA HIS A 254 -10.39 -6.56 -29.90
C HIS A 254 -10.39 -8.09 -30.11
N TYR A 255 -11.43 -8.60 -30.77
CA TYR A 255 -11.56 -10.03 -31.06
C TYR A 255 -10.89 -10.38 -32.40
N SER A 256 -9.96 -11.31 -32.33
CA SER A 256 -9.21 -11.76 -33.50
C SER A 256 -10.14 -12.34 -34.55
N ASP A 257 -9.61 -12.48 -35.75
CA ASP A 257 -10.37 -13.00 -36.87
C ASP A 257 -10.87 -14.43 -36.66
N LYS A 258 -10.03 -15.30 -36.11
CA LYS A 258 -10.45 -16.66 -35.81
C LYS A 258 -11.55 -16.61 -34.76
N THR A 259 -11.38 -15.75 -33.77
CA THR A 259 -12.35 -15.60 -32.70
C THR A 259 -13.70 -15.17 -33.25
N MET A 260 -13.73 -14.14 -34.07
CA MET A 260 -15.01 -13.70 -34.63
C MET A 260 -15.60 -14.71 -35.63
N GLU A 261 -14.74 -15.40 -36.38
CA GLU A 261 -15.23 -16.39 -37.32
C GLU A 261 -15.93 -17.49 -36.56
N GLY A 262 -15.32 -17.92 -35.47
CA GLY A 262 -15.90 -18.97 -34.65
C GLY A 262 -17.19 -18.49 -34.03
N VAL A 263 -17.18 -17.29 -33.46
CA VAL A 263 -18.38 -16.75 -32.81
C VAL A 263 -19.52 -16.61 -33.81
N ASN A 264 -19.18 -16.23 -35.03
CA ASN A 264 -20.15 -16.11 -36.11
C ASN A 264 -20.81 -17.45 -36.37
N HIS A 265 -19.97 -18.47 -36.43
CA HIS A 265 -20.38 -19.83 -36.68
C HIS A 265 -21.32 -20.28 -35.55
N ILE A 266 -20.80 -20.23 -34.33
CA ILE A 266 -21.59 -20.65 -33.19
C ILE A 266 -22.92 -19.95 -33.15
N LEU A 267 -22.94 -18.65 -33.36
CA LEU A 267 -24.21 -17.90 -33.31
C LEU A 267 -25.15 -18.22 -34.47
N ALA A 268 -24.60 -18.48 -35.65
CA ALA A 268 -25.43 -18.82 -36.80
C ALA A 268 -26.22 -20.10 -36.55
N GLU A 269 -25.54 -21.14 -36.06
CA GLU A 269 -26.14 -22.46 -35.78
C GLU A 269 -27.14 -22.46 -34.63
N ASN A 270 -26.89 -21.64 -33.62
CA ASN A 270 -27.75 -21.57 -32.43
C ASN A 270 -28.59 -20.29 -32.35
N GLY A 271 -28.40 -19.39 -33.31
CA GLY A 271 -29.13 -18.14 -33.32
C GLY A 271 -28.50 -17.14 -32.36
N GLY A 272 -28.89 -15.87 -32.47
CA GLY A 272 -28.33 -14.89 -31.57
C GLY A 272 -27.70 -13.69 -32.27
N GLU A 273 -27.55 -12.63 -31.48
CA GLU A 273 -26.99 -11.37 -31.97
C GLU A 273 -26.12 -10.73 -30.90
N LEU A 274 -25.07 -10.02 -31.33
CA LEU A 274 -24.21 -9.33 -30.39
C LEU A 274 -24.21 -7.82 -30.63
N ASP A 275 -24.35 -7.07 -29.54
CA ASP A 275 -24.38 -5.61 -29.56
C ASP A 275 -23.00 -5.11 -29.22
N LEU A 276 -22.18 -4.88 -30.24
CA LEU A 276 -20.83 -4.43 -29.99
C LEU A 276 -20.63 -3.00 -30.44
N ARG A 277 -20.59 -2.08 -29.48
CA ARG A 277 -20.38 -0.67 -29.78
C ARG A 277 -18.91 -0.36 -30.00
N ASP A 278 -18.62 0.61 -30.88
CA ASP A 278 -17.25 1.01 -31.18
C ASP A 278 -16.59 1.63 -29.95
N GLU A 279 -17.38 2.27 -29.11
CA GLU A 279 -16.85 2.85 -27.89
C GLU A 279 -16.27 1.73 -26.99
N ASP A 280 -16.88 0.54 -27.05
CA ASP A 280 -16.41 -0.59 -26.24
C ASP A 280 -15.00 -0.95 -26.64
N PHE A 281 -14.68 -0.88 -27.92
CA PHE A 281 -13.32 -1.18 -28.35
C PHE A 281 -12.31 -0.08 -27.99
N GLN A 282 -12.83 1.12 -27.72
CA GLN A 282 -11.95 2.22 -27.33
C GLN A 282 -11.55 1.93 -25.89
N ALA A 283 -12.50 1.48 -25.09
CA ALA A 283 -12.24 1.13 -23.69
C ALA A 283 -11.27 -0.04 -23.64
N LEU A 284 -11.61 -1.11 -24.38
CA LEU A 284 -10.81 -2.33 -24.46
C LEU A 284 -9.37 -2.09 -24.94
N ASP A 285 -9.21 -1.27 -25.98
CA ASP A 285 -7.88 -1.00 -26.54
C ASP A 285 -7.03 -0.16 -25.56
N ALA A 286 -7.71 0.71 -24.83
CA ALA A 286 -7.04 1.58 -23.86
C ALA A 286 -6.40 0.78 -22.73
N ALA A 287 -7.16 -0.18 -22.20
CA ALA A 287 -6.71 -1.00 -21.10
C ALA A 287 -5.95 -2.27 -21.46
N LYS A 288 -5.77 -2.53 -22.75
CA LYS A 288 -5.10 -3.75 -23.18
C LYS A 288 -3.73 -4.00 -22.60
N ASP A 289 -2.93 -2.96 -22.45
CA ASP A 289 -1.58 -3.13 -21.91
C ASP A 289 -1.42 -2.68 -20.47
N LEU A 290 -2.53 -2.29 -19.84
CA LEU A 290 -2.54 -1.82 -18.46
C LEU A 290 -2.43 -2.88 -17.35
N ASN A 291 -3.07 -4.04 -17.54
CA ASN A 291 -3.09 -5.14 -16.56
C ASN A 291 -1.71 -5.46 -16.01
N ASP A 292 -1.57 -5.55 -14.69
CA ASP A 292 -0.27 -5.84 -14.06
C ASP A 292 0.07 -7.30 -13.91
N PHE A 293 -0.96 -8.13 -13.83
CA PHE A 293 -0.80 -9.56 -13.71
C PHE A 293 -2.05 -10.21 -14.21
N LEU A 294 -1.97 -11.51 -14.45
CA LEU A 294 -3.08 -12.34 -14.93
C LEU A 294 -3.23 -13.40 -13.83
N GLY A 295 -4.46 -13.66 -13.41
CA GLY A 295 -4.69 -14.67 -12.39
C GLY A 295 -5.36 -15.81 -13.13
N ILE A 296 -4.72 -16.97 -13.18
CA ILE A 296 -5.28 -18.11 -13.90
C ILE A 296 -5.86 -19.12 -12.95
N ASN A 297 -7.17 -19.27 -12.95
CA ASN A 297 -7.82 -20.29 -12.10
C ASN A 297 -7.90 -21.56 -12.94
N TYR A 298 -7.30 -22.64 -12.49
CA TYR A 298 -7.36 -23.87 -13.29
C TYR A 298 -7.63 -25.13 -12.45
N TYR A 299 -8.62 -25.91 -12.87
CA TYR A 299 -8.92 -27.15 -12.16
C TYR A 299 -8.79 -28.42 -13.01
N MET A 300 -9.23 -28.36 -14.26
CA MET A 300 -9.18 -29.52 -15.13
C MET A 300 -9.14 -29.15 -16.61
N SER A 301 -8.94 -30.14 -17.46
CA SER A 301 -8.97 -29.90 -18.92
C SER A 301 -10.24 -30.55 -19.50
N ASP A 302 -10.49 -30.32 -20.79
CA ASP A 302 -11.64 -30.87 -21.46
C ASP A 302 -11.26 -31.35 -22.82
N TRP A 303 -11.76 -32.53 -23.19
CA TRP A 303 -11.51 -33.09 -24.51
C TRP A 303 -12.80 -32.89 -25.26
N MET A 304 -12.71 -32.59 -26.56
CA MET A 304 -13.86 -32.32 -27.38
C MET A 304 -13.91 -33.21 -28.60
N GLN A 305 -15.09 -33.74 -28.85
CA GLN A 305 -15.36 -34.63 -29.97
C GLN A 305 -16.43 -33.94 -30.81
N ALA A 306 -16.37 -34.13 -32.13
CA ALA A 306 -17.36 -33.53 -33.00
C ALA A 306 -18.75 -34.11 -32.68
N PHE A 307 -19.80 -33.32 -32.92
CA PHE A 307 -21.13 -33.80 -32.58
C PHE A 307 -22.19 -33.13 -33.43
N ASP A 308 -23.07 -33.91 -34.05
CA ASP A 308 -24.08 -33.34 -34.91
C ASP A 308 -25.53 -33.28 -34.39
N GLY A 309 -25.73 -33.61 -33.12
CA GLY A 309 -27.07 -33.57 -32.56
C GLY A 309 -27.42 -32.25 -31.91
N GLU A 310 -28.57 -32.23 -31.25
CA GLU A 310 -29.05 -31.03 -30.56
C GLU A 310 -28.27 -30.85 -29.24
N THR A 311 -28.30 -29.64 -28.68
CA THR A 311 -27.57 -29.34 -27.45
C THR A 311 -28.28 -29.70 -26.16
N GLU A 312 -27.55 -30.37 -25.26
CA GLU A 312 -28.08 -30.78 -23.97
C GLU A 312 -26.92 -30.72 -22.98
N ILE A 313 -27.17 -30.17 -21.80
CA ILE A 313 -26.13 -30.05 -20.77
C ILE A 313 -26.69 -30.38 -19.38
N ILE A 314 -26.14 -31.44 -18.76
CA ILE A 314 -26.59 -31.82 -17.42
C ILE A 314 -25.42 -31.62 -16.45
N HIS A 315 -25.64 -30.86 -15.39
CA HIS A 315 -24.61 -30.58 -14.38
C HIS A 315 -24.74 -31.58 -13.29
N ASN A 316 -23.66 -32.29 -13.01
CA ASN A 316 -23.64 -33.28 -11.92
C ASN A 316 -23.28 -32.56 -10.59
N GLY A 317 -24.29 -32.15 -9.84
CA GLY A 317 -24.07 -31.47 -8.58
C GLY A 317 -24.08 -32.33 -7.34
N LYS A 318 -24.77 -33.48 -7.40
CA LYS A 318 -24.82 -34.37 -6.24
C LYS A 318 -23.63 -35.30 -6.15
N GLY A 319 -22.73 -35.26 -7.11
CA GLY A 319 -21.56 -36.11 -7.04
C GLY A 319 -21.87 -37.55 -7.38
N GLU A 320 -22.45 -37.74 -8.55
CA GLU A 320 -22.80 -39.07 -9.04
C GLU A 320 -21.99 -39.30 -10.28
N LYS A 321 -20.90 -40.02 -10.08
CA LYS A 321 -19.98 -40.33 -11.15
C LYS A 321 -20.67 -40.69 -12.46
N GLY A 322 -20.51 -39.82 -13.45
CA GLY A 322 -21.10 -40.10 -14.73
C GLY A 322 -22.34 -39.31 -15.11
N SER A 323 -22.94 -38.58 -14.17
CA SER A 323 -24.13 -37.81 -14.52
C SER A 323 -23.93 -36.58 -15.41
N SER A 324 -22.68 -36.13 -15.52
CA SER A 324 -22.35 -34.96 -16.33
C SER A 324 -22.56 -35.25 -17.81
N LYS A 325 -23.09 -34.27 -18.54
CA LYS A 325 -23.30 -34.41 -19.97
C LYS A 325 -23.23 -33.06 -20.64
N TYR A 326 -22.30 -32.88 -21.57
CA TYR A 326 -22.16 -31.59 -22.25
C TYR A 326 -22.02 -31.70 -23.75
N GLN A 327 -23.04 -31.22 -24.45
CA GLN A 327 -22.98 -31.23 -25.90
C GLN A 327 -23.66 -29.97 -26.37
N ILE A 328 -23.06 -29.36 -27.40
CA ILE A 328 -23.56 -28.13 -27.99
C ILE A 328 -23.59 -28.27 -29.51
N LYS A 329 -24.73 -27.94 -30.11
CA LYS A 329 -24.90 -28.05 -31.55
C LYS A 329 -24.04 -27.02 -32.28
N GLY A 330 -23.23 -27.51 -33.22
CA GLY A 330 -22.38 -26.62 -34.00
C GLY A 330 -21.00 -26.57 -33.40
N VAL A 331 -20.89 -26.93 -32.12
CA VAL A 331 -19.63 -26.93 -31.41
C VAL A 331 -19.11 -28.35 -31.24
N GLY A 332 -19.71 -29.11 -30.34
CA GLY A 332 -19.26 -30.47 -30.09
C GLY A 332 -19.66 -30.98 -28.72
N ARG A 333 -19.17 -32.15 -28.33
CA ARG A 333 -19.51 -32.68 -27.04
C ARG A 333 -18.23 -33.07 -26.32
N ARG A 334 -18.26 -33.06 -24.98
CA ARG A 334 -17.09 -33.44 -24.18
C ARG A 334 -17.14 -34.93 -23.82
N VAL A 335 -16.01 -35.60 -24.02
CA VAL A 335 -15.89 -37.01 -23.75
C VAL A 335 -14.62 -37.15 -22.95
N ALA A 336 -14.75 -37.66 -21.74
CA ALA A 336 -13.60 -37.87 -20.88
C ALA A 336 -12.76 -38.95 -21.53
N PRO A 337 -11.43 -38.76 -21.54
CA PRO A 337 -10.57 -39.77 -22.14
C PRO A 337 -10.76 -41.01 -21.31
N ASP A 338 -10.28 -42.15 -21.80
CA ASP A 338 -10.51 -43.38 -21.08
C ASP A 338 -10.05 -43.59 -19.67
N TYR A 339 -8.78 -43.35 -19.36
CA TYR A 339 -8.35 -43.63 -17.99
C TYR A 339 -7.73 -42.49 -17.19
N VAL A 340 -8.12 -41.24 -17.44
CA VAL A 340 -7.57 -40.14 -16.64
C VAL A 340 -8.31 -40.18 -15.29
N PRO A 341 -7.62 -39.88 -14.17
CA PRO A 341 -8.43 -39.96 -12.95
C PRO A 341 -9.38 -38.76 -12.97
N ARG A 342 -10.67 -39.02 -12.76
CA ARG A 342 -11.70 -37.98 -12.73
C ARG A 342 -12.37 -38.29 -11.41
N THR A 343 -13.22 -37.41 -10.89
CA THR A 343 -13.82 -37.63 -9.59
C THR A 343 -15.35 -37.76 -9.61
N ASP A 344 -15.97 -37.88 -8.44
CA ASP A 344 -17.43 -38.01 -8.35
C ASP A 344 -18.21 -36.90 -9.00
N TRP A 345 -17.56 -35.76 -9.16
CA TRP A 345 -18.22 -34.65 -9.78
C TRP A 345 -17.79 -34.60 -11.24
N ASP A 346 -17.06 -35.64 -11.62
CA ASP A 346 -16.58 -35.81 -12.98
C ASP A 346 -15.45 -34.89 -13.41
N TRP A 347 -14.90 -34.13 -12.47
CA TRP A 347 -13.80 -33.23 -12.80
C TRP A 347 -12.54 -34.03 -13.07
N ILE A 348 -11.98 -33.90 -14.26
CA ILE A 348 -10.76 -34.65 -14.64
C ILE A 348 -9.44 -34.09 -14.07
N ILE A 349 -8.60 -34.97 -13.54
CA ILE A 349 -7.30 -34.59 -13.03
C ILE A 349 -6.33 -34.71 -14.21
N TYR A 350 -5.67 -33.60 -14.57
CA TYR A 350 -4.72 -33.57 -15.68
C TYR A 350 -3.85 -32.34 -15.45
N PRO A 351 -2.78 -32.47 -14.64
CA PRO A 351 -1.85 -31.38 -14.31
C PRO A 351 -1.20 -30.74 -15.53
N GLU A 352 -0.84 -31.57 -16.49
CA GLU A 352 -0.21 -31.10 -17.69
C GLU A 352 -1.02 -30.01 -18.42
N GLY A 353 -2.31 -29.95 -18.18
CA GLY A 353 -3.11 -28.95 -18.87
C GLY A 353 -2.75 -27.55 -18.43
N LEU A 354 -2.31 -27.41 -17.17
CA LEU A 354 -1.93 -26.11 -16.62
C LEU A 354 -0.70 -25.59 -17.34
N TYR A 355 0.28 -26.47 -17.52
CA TYR A 355 1.50 -26.08 -18.20
C TYR A 355 1.15 -25.56 -19.60
N ASP A 356 0.34 -26.32 -20.34
CA ASP A 356 -0.10 -25.94 -21.69
C ASP A 356 -0.83 -24.57 -21.75
N GLN A 357 -1.62 -24.26 -20.73
CA GLN A 357 -2.35 -23.01 -20.68
C GLN A 357 -1.39 -21.86 -20.47
N ILE A 358 -0.45 -22.06 -19.55
CA ILE A 358 0.58 -21.08 -19.23
C ILE A 358 1.46 -20.81 -20.45
N MET A 359 1.72 -21.82 -21.27
CA MET A 359 2.55 -21.58 -22.44
C MET A 359 1.75 -21.02 -23.59
N ARG A 360 0.44 -21.09 -23.47
CA ARG A 360 -0.42 -20.57 -24.52
C ARG A 360 -0.64 -19.08 -24.33
N VAL A 361 -0.97 -18.70 -23.11
CA VAL A 361 -1.19 -17.30 -22.79
C VAL A 361 0.11 -16.56 -23.10
N LYS A 362 1.21 -17.17 -22.66
CA LYS A 362 2.54 -16.63 -22.83
C LYS A 362 2.92 -16.36 -24.29
N ASN A 363 2.48 -17.25 -25.19
CA ASN A 363 2.79 -17.13 -26.61
C ASN A 363 1.80 -16.31 -27.41
N ASP A 364 0.53 -16.40 -27.05
CA ASP A 364 -0.53 -15.69 -27.76
C ASP A 364 -0.65 -14.26 -27.24
N TYR A 365 -0.29 -14.04 -25.98
CA TYR A 365 -0.38 -12.73 -25.34
C TYR A 365 0.89 -12.54 -24.53
N PRO A 366 1.98 -12.21 -25.20
CA PRO A 366 3.30 -11.98 -24.59
C PRO A 366 3.28 -10.86 -23.57
N ASN A 367 2.33 -9.95 -23.71
CA ASN A 367 2.19 -8.81 -22.80
C ASN A 367 1.42 -9.13 -21.51
N TYR A 368 1.39 -10.40 -21.11
CA TYR A 368 0.66 -10.79 -19.91
C TYR A 368 1.39 -10.26 -18.69
N LYS A 369 2.71 -10.11 -18.84
CA LYS A 369 3.63 -9.59 -17.83
C LYS A 369 3.93 -10.53 -16.66
N LYS A 370 2.90 -10.86 -15.88
CA LYS A 370 3.07 -11.70 -14.71
C LYS A 370 1.83 -12.59 -14.51
N ILE A 371 2.06 -13.81 -14.03
CA ILE A 371 0.99 -14.78 -13.82
C ILE A 371 0.93 -15.32 -12.40
N TYR A 372 -0.27 -15.34 -11.84
CA TYR A 372 -0.49 -15.89 -10.52
C TYR A 372 -1.53 -16.99 -10.73
N ILE A 373 -1.35 -18.15 -10.08
CA ILE A 373 -2.36 -19.20 -10.17
C ILE A 373 -3.31 -18.87 -9.00
N THR A 374 -4.25 -17.97 -9.27
CA THR A 374 -5.25 -17.53 -8.28
C THR A 374 -6.21 -18.57 -7.68
N CYS A 375 -6.21 -19.80 -8.21
CA CYS A 375 -7.10 -20.86 -7.70
C CYS A 375 -6.77 -22.26 -8.33
N ASN A 376 -6.61 -23.25 -7.48
CA ASN A 376 -6.33 -24.64 -7.90
C ASN A 376 -6.60 -25.46 -6.64
N GLY A 377 -7.28 -26.60 -6.77
CA GLY A 377 -7.59 -27.43 -5.62
C GLY A 377 -8.46 -28.60 -6.01
N LEU A 378 -8.60 -29.56 -5.11
CA LEU A 378 -9.37 -30.76 -5.37
C LEU A 378 -10.52 -30.81 -4.42
N GLY A 379 -11.74 -30.75 -4.94
CA GLY A 379 -12.90 -30.80 -4.08
C GLY A 379 -13.48 -32.19 -3.98
N TYR A 380 -13.62 -32.69 -2.77
CA TYR A 380 -14.19 -34.04 -2.55
C TYR A 380 -14.55 -34.26 -1.08
N LYS A 381 -15.45 -35.20 -0.82
CA LYS A 381 -15.90 -35.49 0.53
C LYS A 381 -14.80 -36.08 1.41
N ASP A 382 -14.09 -35.24 2.16
CA ASP A 382 -13.05 -35.75 3.06
C ASP A 382 -13.78 -36.45 4.18
N GLU A 383 -13.03 -37.25 4.92
CA GLU A 383 -13.58 -37.97 6.06
C GLU A 383 -12.94 -37.41 7.29
N PHE A 384 -13.77 -36.85 8.17
CA PHE A 384 -13.28 -36.26 9.41
C PHE A 384 -12.84 -37.34 10.43
N VAL A 385 -11.53 -37.53 10.56
CA VAL A 385 -11.01 -38.56 11.44
C VAL A 385 -9.83 -38.08 12.26
N ASP A 386 -9.91 -38.36 13.56
CA ASP A 386 -8.89 -38.00 14.54
C ASP A 386 -8.69 -36.49 14.63
N ASN A 387 -9.79 -35.74 14.48
CA ASN A 387 -9.75 -34.28 14.52
C ASN A 387 -9.05 -33.69 13.28
N THR A 388 -8.76 -34.52 12.28
CA THR A 388 -8.08 -34.12 11.05
C THR A 388 -8.79 -34.79 9.88
N VAL A 389 -8.10 -34.85 8.76
CA VAL A 389 -8.56 -35.47 7.58
C VAL A 389 -7.26 -35.91 6.95
N TYR A 390 -7.16 -37.20 6.62
CA TYR A 390 -5.93 -37.66 6.03
C TYR A 390 -6.06 -37.46 4.53
N ASP A 391 -6.18 -36.20 4.14
CA ASP A 391 -6.37 -35.83 2.75
C ASP A 391 -5.14 -35.99 1.84
N ASP A 392 -4.78 -37.23 1.62
CA ASP A 392 -3.65 -37.52 0.79
C ASP A 392 -3.93 -37.24 -0.69
N GLY A 393 -5.20 -37.41 -1.10
CA GLY A 393 -5.54 -37.16 -2.48
C GLY A 393 -5.31 -35.70 -2.85
N ARG A 394 -5.66 -34.82 -1.92
CA ARG A 394 -5.49 -33.39 -2.14
C ARG A 394 -4.01 -33.05 -2.18
N ILE A 395 -3.24 -33.64 -1.27
CA ILE A 395 -1.82 -33.38 -1.34
C ILE A 395 -1.22 -33.85 -2.68
N ASP A 396 -1.79 -34.92 -3.26
CA ASP A 396 -1.27 -35.44 -4.50
C ASP A 396 -1.63 -34.52 -5.66
N TYR A 397 -2.87 -34.10 -5.65
CA TYR A 397 -3.36 -33.22 -6.69
C TYR A 397 -2.55 -31.93 -6.70
N VAL A 398 -2.40 -31.32 -5.53
CA VAL A 398 -1.69 -30.03 -5.44
C VAL A 398 -0.23 -30.17 -5.85
N LYS A 399 0.41 -31.19 -5.29
CA LYS A 399 1.82 -31.50 -5.53
C LYS A 399 2.12 -31.72 -6.97
N GLN A 400 1.17 -32.33 -7.67
CA GLN A 400 1.36 -32.60 -9.07
C GLN A 400 1.33 -31.34 -9.87
N HIS A 401 0.41 -30.44 -9.52
CA HIS A 401 0.30 -29.18 -10.24
C HIS A 401 1.47 -28.25 -9.95
N LEU A 402 1.87 -28.19 -8.68
CA LEU A 402 2.96 -27.32 -8.29
C LEU A 402 4.23 -27.66 -9.05
N GLU A 403 4.37 -28.93 -9.41
CA GLU A 403 5.52 -29.41 -10.15
C GLU A 403 5.44 -28.90 -11.58
N VAL A 404 4.24 -28.82 -12.12
CA VAL A 404 4.09 -28.34 -13.47
C VAL A 404 4.37 -26.83 -13.56
N LEU A 405 4.05 -26.10 -12.50
CA LEU A 405 4.33 -24.68 -12.41
C LEU A 405 5.85 -24.53 -12.38
N SER A 406 6.48 -25.27 -11.47
CA SER A 406 7.95 -25.27 -11.32
C SER A 406 8.64 -25.49 -12.68
N ASP A 407 7.92 -26.13 -13.60
CA ASP A 407 8.45 -26.36 -14.94
C ASP A 407 8.14 -25.20 -15.86
N ALA A 408 6.89 -24.78 -15.90
CA ALA A 408 6.53 -23.66 -16.73
C ALA A 408 7.36 -22.45 -16.32
N ILE A 409 7.80 -22.41 -15.07
CA ILE A 409 8.61 -21.30 -14.60
C ILE A 409 9.96 -21.45 -15.28
N ALA A 410 10.56 -22.62 -15.13
CA ALA A 410 11.87 -22.91 -15.70
C ALA A 410 11.91 -22.66 -17.18
N ASP A 411 10.79 -22.88 -17.85
CA ASP A 411 10.72 -22.71 -19.29
C ASP A 411 10.41 -21.29 -19.76
N GLY A 412 10.63 -20.33 -18.86
CA GLY A 412 10.43 -18.94 -19.20
C GLY A 412 9.09 -18.30 -18.93
N ALA A 413 8.20 -18.95 -18.19
CA ALA A 413 6.91 -18.34 -17.90
C ALA A 413 7.05 -17.60 -16.57
N ASN A 414 6.60 -16.35 -16.54
CA ASN A 414 6.67 -15.54 -15.32
C ASN A 414 5.55 -15.84 -14.33
N VAL A 415 5.70 -16.88 -13.52
CA VAL A 415 4.68 -17.25 -12.52
C VAL A 415 5.21 -16.77 -11.17
N LYS A 416 4.39 -16.06 -10.39
CA LYS A 416 4.83 -15.51 -9.09
C LYS A 416 4.14 -16.00 -7.80
N GLY A 417 3.11 -16.83 -7.92
CA GLY A 417 2.42 -17.31 -6.73
C GLY A 417 1.31 -18.30 -7.03
N TYR A 418 0.89 -19.04 -6.03
CA TYR A 418 -0.13 -20.04 -6.18
C TYR A 418 -1.12 -19.81 -5.05
N PHE A 419 -2.41 -19.85 -5.38
CA PHE A 419 -3.48 -19.67 -4.41
C PHE A 419 -4.33 -20.92 -4.42
N ILE A 420 -4.32 -21.66 -3.33
CA ILE A 420 -5.08 -22.88 -3.26
C ILE A 420 -6.55 -22.63 -2.94
N TRP A 421 -7.45 -23.11 -3.78
CA TRP A 421 -8.85 -22.97 -3.49
C TRP A 421 -9.15 -24.23 -2.70
N SER A 422 -9.56 -24.15 -1.43
CA SER A 422 -9.77 -22.93 -0.67
C SER A 422 -9.00 -22.98 0.67
N LEU A 423 -8.84 -21.82 1.31
CA LEU A 423 -8.11 -21.76 2.56
C LEU A 423 -8.79 -22.64 3.62
N MET A 424 -10.10 -22.50 3.73
CA MET A 424 -10.84 -23.28 4.69
C MET A 424 -12.08 -23.85 3.97
N ASP A 425 -12.76 -24.81 4.59
CA ASP A 425 -13.93 -25.38 3.94
C ASP A 425 -15.09 -24.40 3.79
N VAL A 426 -15.62 -24.27 2.58
CA VAL A 426 -16.77 -23.39 2.31
C VAL A 426 -17.76 -24.20 1.41
N PHE A 427 -19.03 -23.81 1.40
CA PHE A 427 -19.96 -24.54 0.55
C PHE A 427 -19.69 -24.13 -0.89
N SER A 428 -20.05 -25.00 -1.81
CA SER A 428 -19.85 -24.74 -3.23
C SER A 428 -21.18 -24.17 -3.72
N TRP A 429 -21.12 -23.25 -4.67
CA TRP A 429 -22.30 -22.62 -5.22
C TRP A 429 -23.33 -23.64 -5.75
N SER A 430 -22.88 -24.57 -6.61
CA SER A 430 -23.80 -25.55 -7.16
C SER A 430 -23.63 -26.99 -6.70
N ASN A 431 -22.73 -27.24 -5.75
CA ASN A 431 -22.52 -28.60 -5.25
C ASN A 431 -22.70 -28.77 -3.74
N GLY A 432 -23.35 -27.79 -3.10
CA GLY A 432 -23.58 -27.83 -1.66
C GLY A 432 -22.35 -27.81 -0.77
N TYR A 433 -22.58 -28.08 0.51
CA TYR A 433 -21.53 -28.11 1.53
C TYR A 433 -20.70 -29.41 1.54
N GLU A 434 -21.04 -30.38 0.69
CA GLU A 434 -20.36 -31.68 0.64
C GLU A 434 -19.04 -31.70 -0.11
N LYS A 435 -18.94 -30.87 -1.14
CA LYS A 435 -17.74 -30.78 -1.96
C LYS A 435 -16.69 -29.87 -1.31
N ARG A 436 -15.97 -30.44 -0.36
CA ARG A 436 -14.96 -29.70 0.39
C ARG A 436 -13.63 -29.54 -0.34
N TYR A 437 -13.01 -28.37 -0.20
CA TYR A 437 -11.71 -28.09 -0.84
C TYR A 437 -10.63 -27.59 0.11
N GLY A 438 -11.03 -27.23 1.33
CA GLY A 438 -10.10 -26.62 2.27
C GLY A 438 -8.85 -27.25 2.81
N LEU A 439 -7.90 -26.39 3.19
CA LEU A 439 -6.66 -26.81 3.84
C LEU A 439 -7.09 -27.06 5.29
N PHE A 440 -8.10 -26.33 5.73
CA PHE A 440 -8.59 -26.49 7.09
C PHE A 440 -10.04 -26.91 6.99
N TYR A 441 -10.38 -27.85 7.86
CA TYR A 441 -11.71 -28.42 7.97
C TYR A 441 -12.61 -27.63 8.91
N VAL A 442 -13.72 -27.14 8.38
CA VAL A 442 -14.68 -26.39 9.18
C VAL A 442 -15.78 -27.38 9.59
N ASP A 443 -16.08 -27.48 10.87
CA ASP A 443 -17.15 -28.35 11.35
C ASP A 443 -18.38 -27.44 11.32
N PHE A 444 -19.09 -27.40 10.20
CA PHE A 444 -20.23 -26.52 10.04
C PHE A 444 -21.26 -26.39 11.14
N ASP A 445 -21.28 -27.32 12.08
CA ASP A 445 -22.26 -27.21 13.17
C ASP A 445 -21.66 -26.44 14.33
N THR A 446 -20.35 -26.36 14.40
CA THR A 446 -19.72 -25.66 15.50
C THR A 446 -18.91 -24.47 15.02
N GLN A 447 -18.48 -24.58 13.76
CA GLN A 447 -17.63 -23.60 13.07
C GLN A 447 -16.17 -23.74 13.49
N GLU A 448 -15.83 -24.85 14.13
CA GLU A 448 -14.47 -25.13 14.58
C GLU A 448 -13.53 -25.53 13.43
N ARG A 449 -12.35 -24.93 13.40
CA ARG A 449 -11.39 -25.24 12.36
C ARG A 449 -10.39 -26.26 12.84
N TYR A 450 -10.00 -27.17 11.93
CA TYR A 450 -9.04 -28.25 12.24
C TYR A 450 -8.11 -28.37 11.08
N PRO A 451 -6.80 -28.29 11.32
CA PRO A 451 -5.85 -28.41 10.22
C PRO A 451 -5.93 -29.82 9.61
N LYS A 452 -5.95 -29.91 8.28
CA LYS A 452 -5.98 -31.22 7.61
C LYS A 452 -4.51 -31.58 7.32
N LYS A 453 -4.27 -32.82 6.92
CA LYS A 453 -2.92 -33.23 6.61
C LYS A 453 -2.30 -32.31 5.54
N SER A 454 -3.13 -31.73 4.69
CA SER A 454 -2.63 -30.83 3.68
C SER A 454 -2.14 -29.51 4.28
N ALA A 455 -2.76 -29.07 5.36
CA ALA A 455 -2.33 -27.83 6.00
C ALA A 455 -0.89 -28.00 6.48
N HIS A 456 -0.61 -29.14 7.10
CA HIS A 456 0.73 -29.43 7.57
C HIS A 456 1.71 -29.58 6.42
N TRP A 457 1.25 -30.14 5.32
CA TRP A 457 2.11 -30.35 4.16
C TRP A 457 2.46 -28.98 3.53
N TYR A 458 1.42 -28.16 3.34
CA TYR A 458 1.56 -26.84 2.76
C TYR A 458 2.55 -25.98 3.54
N LYS A 459 2.57 -26.13 4.86
CA LYS A 459 3.50 -25.39 5.70
C LYS A 459 4.95 -25.65 5.28
N LYS A 460 5.33 -26.92 5.22
CA LYS A 460 6.69 -27.30 4.82
C LYS A 460 6.95 -26.77 3.43
N LEU A 461 5.94 -26.84 2.57
CA LEU A 461 6.18 -26.34 1.23
C LEU A 461 6.52 -24.87 1.35
N ALA A 462 5.64 -24.15 2.04
CA ALA A 462 5.77 -22.74 2.26
C ALA A 462 7.15 -22.34 2.73
N GLU A 463 7.62 -23.00 3.78
CA GLU A 463 8.92 -22.67 4.34
C GLU A 463 10.13 -23.47 3.84
N THR A 464 10.04 -24.04 2.64
CA THR A 464 11.16 -24.82 2.10
C THR A 464 11.24 -24.63 0.61
N GLN A 465 10.07 -24.48 -0.01
CA GLN A 465 9.93 -24.35 -1.45
C GLN A 465 10.48 -25.56 -2.23
N VAL A 466 10.49 -26.71 -1.57
CA VAL A 466 10.95 -27.95 -2.19
C VAL A 466 9.71 -28.83 -2.24
N ILE A 467 9.29 -29.18 -3.45
CA ILE A 467 8.10 -29.98 -3.64
C ILE A 467 8.38 -31.46 -3.49
N GLU A 468 7.94 -32.03 -2.37
CA GLU A 468 8.16 -33.43 -2.09
C GLU A 468 7.01 -33.97 -1.23
N MET B 1 -10.21 36.52 -6.18
CA MET B 1 -8.98 37.12 -6.78
C MET B 1 -7.74 36.66 -5.98
N THR B 2 -7.92 35.62 -5.16
CA THR B 2 -6.85 35.07 -4.32
C THR B 2 -6.17 33.88 -5.00
N LYS B 3 -5.14 33.33 -4.35
CA LYS B 3 -4.43 32.17 -4.90
C LYS B 3 -5.16 30.91 -4.57
N THR B 4 -4.84 29.87 -5.33
CA THR B 4 -5.48 28.60 -5.14
C THR B 4 -4.41 27.54 -5.15
N LEU B 5 -4.72 26.40 -4.54
CA LEU B 5 -3.80 25.27 -4.50
C LEU B 5 -4.40 24.12 -5.31
N PRO B 6 -3.57 23.32 -5.99
CA PRO B 6 -4.02 22.18 -6.81
C PRO B 6 -5.03 21.29 -6.09
N LYS B 7 -6.02 20.81 -6.83
CA LYS B 7 -7.08 19.96 -6.27
C LYS B 7 -6.62 18.64 -5.59
N ASP B 8 -5.41 18.17 -5.89
CA ASP B 8 -4.88 16.94 -5.29
C ASP B 8 -3.74 17.21 -4.30
N PHE B 9 -3.83 18.33 -3.61
CA PHE B 9 -2.80 18.73 -2.66
C PHE B 9 -3.04 18.05 -1.30
N ILE B 10 -1.97 17.78 -0.58
CA ILE B 10 -2.11 17.15 0.74
C ILE B 10 -2.06 18.24 1.81
N PHE B 11 -3.11 18.32 2.60
CA PHE B 11 -3.22 19.30 3.66
C PHE B 11 -3.05 18.47 4.91
N GLY B 12 -1.80 18.27 5.30
CA GLY B 12 -1.52 17.44 6.46
C GLY B 12 -1.20 18.10 7.79
N GLY B 13 -0.79 17.24 8.72
CA GLY B 13 -0.43 17.62 10.05
C GLY B 13 0.78 16.76 10.36
N ALA B 14 1.69 17.22 11.21
CA ALA B 14 2.88 16.46 11.50
C ALA B 14 3.02 16.12 12.97
N THR B 15 3.73 15.03 13.26
CA THR B 15 3.96 14.57 14.61
C THR B 15 5.33 13.87 14.69
N ALA B 16 5.68 13.49 15.91
CA ALA B 16 6.95 12.83 16.18
C ALA B 16 6.64 11.87 17.30
N ALA B 17 7.19 10.67 17.24
CA ALA B 17 6.92 9.69 18.27
C ALA B 17 7.21 10.25 19.64
N TYR B 18 8.47 10.51 19.92
CA TYR B 18 8.85 10.98 21.24
C TYR B 18 8.04 12.19 21.74
N GLN B 19 7.88 13.23 20.92
CA GLN B 19 7.10 14.42 21.28
C GLN B 19 5.63 14.15 21.56
N ALA B 20 5.00 13.29 20.75
CA ALA B 20 3.59 13.04 20.90
C ALA B 20 3.17 11.89 21.79
N GLU B 21 3.75 10.74 21.51
CA GLU B 21 3.43 9.47 22.18
C GLU B 21 3.33 9.34 23.67
N GLY B 22 4.38 9.71 24.40
CA GLY B 22 4.33 9.49 25.82
C GLY B 22 4.59 8.00 26.00
N ALA B 23 4.10 7.42 27.09
CA ALA B 23 4.30 6.00 27.33
C ALA B 23 5.76 5.63 27.08
N THR B 24 6.68 6.36 27.72
CA THR B 24 8.13 6.16 27.55
C THR B 24 8.72 4.89 28.11
N HIS B 25 8.01 4.27 29.05
CA HIS B 25 8.45 3.02 29.67
C HIS B 25 7.25 2.11 29.68
N THR B 26 6.49 2.14 28.60
CA THR B 26 5.28 1.37 28.50
C THR B 26 5.37 0.29 27.41
N ASP B 27 4.83 -0.88 27.75
CA ASP B 27 4.83 -2.06 26.88
C ASP B 27 6.17 -2.42 26.23
N GLY B 28 7.23 -2.37 27.02
CA GLY B 28 8.53 -2.76 26.48
C GLY B 28 9.35 -1.72 25.77
N LYS B 29 8.98 -0.43 25.88
CA LYS B 29 9.75 0.62 25.22
C LYS B 29 11.15 0.74 25.82
N GLY B 30 12.16 0.75 24.97
CA GLY B 30 13.53 0.87 25.43
C GLY B 30 13.87 2.34 25.64
N PRO B 31 14.87 2.67 26.45
CA PRO B 31 15.27 4.06 26.72
C PRO B 31 15.90 4.75 25.52
N VAL B 32 15.77 6.06 25.50
CA VAL B 32 16.34 6.90 24.46
C VAL B 32 17.14 7.95 25.22
N ALA B 33 18.05 8.63 24.55
CA ALA B 33 18.91 9.65 25.19
C ALA B 33 18.20 10.73 26.00
N TRP B 34 17.09 11.18 25.44
CA TRP B 34 16.26 12.23 26.00
C TRP B 34 15.71 11.87 27.33
N ASP B 35 15.71 10.59 27.65
CA ASP B 35 15.16 10.21 28.92
C ASP B 35 15.96 10.78 30.08
N LYS B 36 17.28 10.59 30.05
CA LYS B 36 18.11 11.10 31.14
C LYS B 36 18.42 12.58 30.95
N TYR B 37 18.77 12.94 29.72
CA TYR B 37 19.12 14.31 29.35
C TYR B 37 18.11 15.41 29.70
N LEU B 38 16.86 15.32 29.24
CA LEU B 38 15.88 16.37 29.55
C LEU B 38 15.76 16.57 31.04
N GLU B 39 15.87 15.47 31.75
CA GLU B 39 15.79 15.47 33.20
C GLU B 39 16.94 16.26 33.85
N ASP B 40 18.15 16.07 33.33
CA ASP B 40 19.33 16.75 33.88
C ASP B 40 19.58 18.14 33.31
N ASN B 41 19.14 18.39 32.09
CA ASN B 41 19.44 19.66 31.44
C ASN B 41 18.31 20.60 31.16
N TYR B 42 17.08 20.12 31.30
CA TYR B 42 15.94 20.96 31.02
C TYR B 42 15.00 20.95 32.20
N TRP B 43 13.87 21.64 32.05
CA TRP B 43 12.87 21.75 33.10
C TRP B 43 11.55 21.01 32.80
N TYR B 44 11.61 19.91 32.07
CA TYR B 44 10.40 19.13 31.75
C TYR B 44 10.82 17.76 31.23
N THR B 45 9.87 16.84 31.16
CA THR B 45 10.21 15.52 30.63
C THR B 45 9.21 15.15 29.55
N ALA B 46 9.44 14.01 28.92
CA ALA B 46 8.57 13.54 27.85
C ALA B 46 7.31 12.84 28.36
N GLU B 47 7.01 13.02 29.64
CA GLU B 47 5.81 12.47 30.28
C GLU B 47 5.10 13.71 30.76
N PRO B 48 3.76 13.83 30.54
CA PRO B 48 2.87 12.90 29.86
C PRO B 48 2.87 13.12 28.36
N ALA B 49 3.52 14.19 27.91
CA ALA B 49 3.56 14.54 26.50
C ALA B 49 2.10 14.73 26.10
N SER B 50 1.76 14.42 24.86
CA SER B 50 0.41 14.57 24.42
C SER B 50 -0.35 13.25 24.37
N ASP B 51 0.21 12.24 25.03
CA ASP B 51 -0.39 10.90 25.14
C ASP B 51 -0.94 10.33 23.84
N PHE B 52 -0.21 10.50 22.74
CA PHE B 52 -0.67 10.01 21.43
C PHE B 52 -0.95 8.50 21.46
N TYR B 53 -0.20 7.79 22.28
CA TYR B 53 -0.30 6.33 22.44
C TYR B 53 -1.70 5.80 22.72
N HIS B 54 -2.55 6.61 23.33
CA HIS B 54 -3.88 6.18 23.65
C HIS B 54 -4.90 7.07 22.97
N LYS B 55 -4.42 8.18 22.39
CA LYS B 55 -5.26 9.18 21.74
C LYS B 55 -5.28 9.25 20.23
N TYR B 56 -4.57 8.38 19.55
CA TYR B 56 -4.65 8.43 18.10
C TYR B 56 -6.08 8.30 17.57
N PRO B 57 -7.00 7.63 18.31
CA PRO B 57 -8.34 7.57 17.72
C PRO B 57 -9.05 8.91 17.72
N VAL B 58 -8.68 9.73 18.70
CA VAL B 58 -9.25 11.07 18.86
C VAL B 58 -8.58 12.04 17.87
N ASP B 59 -7.26 12.10 17.92
CA ASP B 59 -6.50 12.98 17.05
C ASP B 59 -6.87 12.71 15.60
N LEU B 60 -7.04 11.44 15.25
CA LEU B 60 -7.39 11.07 13.88
C LEU B 60 -8.82 11.46 13.46
N GLU B 61 -9.79 11.20 14.32
CA GLU B 61 -11.18 11.56 14.03
C GLU B 61 -11.26 13.07 13.79
N LEU B 62 -10.64 13.85 14.67
CA LEU B 62 -10.60 15.31 14.57
C LEU B 62 -9.91 15.69 13.26
N ALA B 63 -8.70 15.19 13.05
CA ALA B 63 -7.95 15.50 11.83
C ALA B 63 -8.84 15.29 10.63
N GLU B 64 -9.70 14.28 10.72
CA GLU B 64 -10.60 13.96 9.62
C GLU B 64 -11.78 14.93 9.57
N GLU B 65 -12.26 15.32 10.74
CA GLU B 65 -13.37 16.26 10.83
C GLU B 65 -12.96 17.57 10.19
N TYR B 66 -11.67 17.91 10.32
CA TYR B 66 -11.10 19.14 9.80
C TYR B 66 -10.32 18.99 8.50
N GLY B 67 -10.79 18.13 7.61
CA GLY B 67 -10.15 17.98 6.31
C GLY B 67 -8.65 17.78 6.17
N VAL B 68 -8.03 17.14 7.16
CA VAL B 68 -6.60 16.81 7.10
C VAL B 68 -6.54 15.43 6.46
N ASN B 69 -6.00 15.34 5.27
CA ASN B 69 -5.87 14.10 4.53
C ASN B 69 -4.48 13.43 4.54
N GLY B 70 -3.55 13.94 5.35
CA GLY B 70 -2.21 13.37 5.40
C GLY B 70 -1.63 13.53 6.80
N ILE B 71 -0.75 12.63 7.23
CA ILE B 71 -0.16 12.74 8.55
C ILE B 71 1.20 12.08 8.62
N ARG B 72 2.18 12.87 9.05
CA ARG B 72 3.54 12.40 9.21
C ARG B 72 3.55 11.80 10.58
N ILE B 73 4.13 10.62 10.69
CA ILE B 73 4.20 9.92 11.95
C ILE B 73 5.58 9.32 11.87
N SER B 74 6.19 9.04 13.00
CA SER B 74 7.51 8.41 12.97
C SER B 74 7.37 7.14 13.78
N ILE B 75 8.25 6.18 13.52
CA ILE B 75 8.23 4.92 14.23
C ILE B 75 9.35 4.93 15.22
N ALA B 76 9.02 4.85 16.49
CA ALA B 76 10.02 4.84 17.55
C ALA B 76 10.90 3.60 17.42
N TRP B 77 12.07 3.74 16.83
CA TRP B 77 13.01 2.63 16.68
C TRP B 77 13.16 1.82 17.96
N SER B 78 13.17 2.49 19.10
CA SER B 78 13.34 1.85 20.41
C SER B 78 12.09 1.20 20.98
N ARG B 79 11.02 1.19 20.22
CA ARG B 79 9.78 0.58 20.65
C ARG B 79 9.66 -0.80 19.98
N ILE B 80 10.34 -0.96 18.84
CA ILE B 80 10.38 -2.17 18.02
C ILE B 80 11.58 -2.98 18.51
N PHE B 81 12.74 -2.34 18.51
CA PHE B 81 13.98 -2.94 18.96
C PHE B 81 14.46 -2.12 20.17
N PRO B 82 13.97 -2.47 21.39
CA PRO B 82 14.32 -1.79 22.64
C PRO B 82 15.81 -1.63 22.91
N THR B 83 16.65 -2.19 22.04
CA THR B 83 18.08 -2.09 22.22
C THR B 83 18.76 -1.83 20.91
N GLY B 84 17.98 -1.57 19.87
CA GLY B 84 18.56 -1.27 18.57
C GLY B 84 18.63 -2.45 17.62
N TYR B 85 18.78 -3.63 18.19
CA TYR B 85 18.86 -4.83 17.40
C TYR B 85 18.59 -6.06 18.25
N GLY B 86 18.30 -7.17 17.59
CA GLY B 86 18.02 -8.40 18.31
C GLY B 86 16.53 -8.62 18.50
N GLU B 87 16.13 -8.84 19.75
CA GLU B 87 14.74 -9.08 20.08
C GLU B 87 13.81 -7.96 19.63
N VAL B 88 12.66 -8.36 19.11
CA VAL B 88 11.65 -7.44 18.65
C VAL B 88 10.62 -7.35 19.77
N ASN B 89 10.03 -6.17 19.92
CA ASN B 89 9.04 -5.92 20.96
C ASN B 89 7.69 -6.00 20.27
N GLU B 90 7.01 -7.13 20.49
CA GLU B 90 5.71 -7.42 19.89
C GLU B 90 4.73 -6.27 20.08
N LYS B 91 4.52 -5.86 21.33
CA LYS B 91 3.61 -4.79 21.65
C LYS B 91 3.90 -3.49 20.93
N GLY B 92 5.17 -3.24 20.64
CA GLY B 92 5.54 -2.06 19.90
C GLY B 92 4.97 -2.19 18.50
N VAL B 93 5.37 -3.26 17.81
CA VAL B 93 4.89 -3.54 16.46
C VAL B 93 3.36 -3.53 16.40
N GLU B 94 2.71 -4.03 17.45
CA GLU B 94 1.24 -4.09 17.55
C GLU B 94 0.60 -2.74 17.52
N PHE B 95 1.22 -1.81 18.25
CA PHE B 95 0.74 -0.46 18.35
C PHE B 95 0.73 0.22 16.99
N TYR B 96 1.84 0.15 16.28
CA TYR B 96 1.88 0.81 14.97
C TYR B 96 0.83 0.33 13.98
N HIS B 97 0.52 -0.97 14.01
CA HIS B 97 -0.47 -1.57 13.14
C HIS B 97 -1.84 -0.98 13.49
N LYS B 98 -2.13 -0.86 14.78
CA LYS B 98 -3.41 -0.24 15.17
C LYS B 98 -3.47 1.23 14.71
N LEU B 99 -2.37 1.97 14.90
CA LEU B 99 -2.28 3.38 14.47
C LEU B 99 -2.49 3.45 12.95
N PHE B 100 -1.66 2.76 12.17
CA PHE B 100 -1.80 2.79 10.71
C PHE B 100 -3.22 2.44 10.25
N ALA B 101 -3.84 1.46 10.89
CA ALA B 101 -5.20 1.05 10.56
C ALA B 101 -6.20 2.22 10.80
N GLU B 102 -6.01 2.94 11.90
CA GLU B 102 -6.87 4.08 12.23
C GLU B 102 -6.70 5.19 11.22
N CYS B 103 -5.48 5.34 10.73
CA CYS B 103 -5.21 6.34 9.70
C CYS B 103 -6.04 6.03 8.45
N HIS B 104 -5.90 4.82 7.92
CA HIS B 104 -6.64 4.42 6.72
C HIS B 104 -8.15 4.46 6.95
N LYS B 105 -8.57 4.12 8.15
CA LYS B 105 -9.98 4.18 8.50
C LYS B 105 -10.46 5.64 8.43
N ARG B 106 -9.66 6.54 9.00
CA ARG B 106 -9.98 7.97 9.00
C ARG B 106 -9.58 8.70 7.72
N HIS B 107 -9.06 7.98 6.74
CA HIS B 107 -8.68 8.55 5.44
C HIS B 107 -7.47 9.46 5.44
N VAL B 108 -6.75 9.45 6.54
CA VAL B 108 -5.57 10.26 6.67
C VAL B 108 -4.40 9.42 6.20
N GLU B 109 -3.76 9.78 5.08
CA GLU B 109 -2.61 9.02 4.59
C GLU B 109 -1.32 9.17 5.41
N PRO B 110 -0.82 8.06 6.00
CA PRO B 110 0.41 8.09 6.81
C PRO B 110 1.71 8.17 6.02
N PHE B 111 2.52 9.16 6.39
CA PHE B 111 3.83 9.38 5.80
C PHE B 111 4.68 9.04 7.01
N VAL B 112 5.42 7.94 6.91
CA VAL B 112 6.16 7.43 8.05
C VAL B 112 7.65 7.66 7.96
N THR B 113 8.22 8.11 9.07
CA THR B 113 9.63 8.42 9.15
C THR B 113 10.22 7.36 10.05
N LEU B 114 11.34 6.76 9.65
CA LEU B 114 11.99 5.72 10.44
C LEU B 114 12.81 6.23 11.63
N HIS B 115 13.34 7.45 11.52
CA HIS B 115 14.16 8.04 12.59
C HIS B 115 13.85 9.55 12.73
N HIS B 116 13.47 9.98 13.94
CA HIS B 116 13.14 11.39 14.22
C HIS B 116 13.80 11.76 15.56
N PHE B 117 15.08 12.12 15.50
CA PHE B 117 15.83 12.53 16.71
C PHE B 117 15.81 11.51 17.83
N ASP B 118 15.56 10.23 17.58
CA ASP B 118 15.52 9.27 18.68
C ASP B 118 16.15 7.88 18.55
N THR B 119 17.47 7.85 18.45
CA THR B 119 18.17 6.59 18.33
C THR B 119 18.05 5.86 19.64
N PRO B 120 17.91 4.52 19.61
CA PRO B 120 17.80 3.84 20.91
C PRO B 120 19.01 4.30 21.75
N GLU B 121 18.79 4.54 23.03
CA GLU B 121 19.85 4.99 23.89
C GLU B 121 21.13 4.20 23.83
N ALA B 122 21.03 2.89 24.05
CA ALA B 122 22.20 1.98 24.01
C ALA B 122 23.12 2.19 22.80
N LEU B 123 22.54 2.53 21.66
CA LEU B 123 23.33 2.78 20.45
C LEU B 123 23.83 4.22 20.42
N HIS B 124 22.98 5.14 20.85
CA HIS B 124 23.32 6.55 20.85
C HIS B 124 24.55 6.82 21.69
N SER B 125 24.56 6.30 22.91
CA SER B 125 25.67 6.47 23.84
C SER B 125 26.97 5.82 23.37
N ASN B 126 26.89 5.08 22.28
CA ASN B 126 28.06 4.40 21.73
C ASN B 126 28.48 5.10 20.44
N GLY B 127 28.32 6.41 20.41
CA GLY B 127 28.71 7.15 19.22
C GLY B 127 27.61 7.51 18.24
N ASP B 128 26.39 7.02 18.47
CA ASP B 128 25.26 7.34 17.60
C ASP B 128 25.65 7.01 16.17
N PHE B 129 25.41 7.89 15.21
CA PHE B 129 25.75 7.60 13.83
C PHE B 129 27.17 7.88 13.42
N LEU B 130 27.98 8.26 14.39
CA LEU B 130 29.38 8.52 14.12
C LEU B 130 30.06 7.17 14.07
N ASN B 131 29.50 6.23 14.81
CA ASN B 131 29.97 4.85 14.90
C ASN B 131 29.34 4.10 13.74
N ARG B 132 30.18 3.61 12.83
CA ARG B 132 29.67 2.95 11.64
C ARG B 132 28.91 1.65 11.87
N GLU B 133 29.00 1.09 13.07
CA GLU B 133 28.27 -0.13 13.40
C GLU B 133 26.78 0.18 13.39
N ASN B 134 26.43 1.32 13.98
CA ASN B 134 25.03 1.73 14.07
C ASN B 134 24.37 1.92 12.72
N ILE B 135 25.16 2.24 11.71
CA ILE B 135 24.63 2.37 10.38
C ILE B 135 23.98 1.02 10.04
N GLU B 136 24.70 -0.06 10.33
CA GLU B 136 24.21 -1.42 10.08
C GLU B 136 22.87 -1.63 10.78
N HIS B 137 22.87 -1.38 12.08
CA HIS B 137 21.68 -1.53 12.89
C HIS B 137 20.50 -0.78 12.27
N PHE B 138 20.79 0.35 11.64
CA PHE B 138 19.74 1.13 11.02
C PHE B 138 19.11 0.42 9.82
N ILE B 139 19.96 -0.03 8.90
CA ILE B 139 19.51 -0.72 7.69
C ILE B 139 18.68 -1.95 8.06
N ASP B 140 19.12 -2.68 9.08
CA ASP B 140 18.40 -3.86 9.53
C ASP B 140 17.06 -3.42 10.09
N TYR B 141 17.05 -2.30 10.83
CA TYR B 141 15.81 -1.78 11.42
C TYR B 141 14.88 -1.28 10.33
N ALA B 142 15.45 -0.78 9.24
CA ALA B 142 14.68 -0.27 8.13
C ALA B 142 14.03 -1.42 7.35
N ALA B 143 14.82 -2.47 7.08
CA ALA B 143 14.35 -3.67 6.38
C ALA B 143 13.21 -4.33 7.15
N PHE B 144 13.31 -4.31 8.47
CA PHE B 144 12.28 -4.91 9.28
C PHE B 144 10.99 -4.17 9.06
N CYS B 145 11.06 -2.84 9.20
CA CYS B 145 9.89 -2.03 9.09
C CYS B 145 9.29 -2.02 7.70
N PHE B 146 10.11 -2.22 6.69
CA PHE B 146 9.61 -2.21 5.33
C PHE B 146 8.72 -3.41 5.10
N GLU B 147 9.24 -4.55 5.54
CA GLU B 147 8.62 -5.84 5.44
C GLU B 147 7.37 -5.94 6.32
N GLU B 148 7.49 -5.48 7.56
CA GLU B 148 6.42 -5.57 8.53
C GLU B 148 5.23 -4.64 8.33
N PHE B 149 5.44 -3.53 7.65
CA PHE B 149 4.33 -2.62 7.50
C PHE B 149 3.94 -2.32 6.08
N PRO B 150 3.33 -3.33 5.40
CA PRO B 150 2.91 -3.12 4.01
C PRO B 150 1.74 -2.15 3.93
N GLU B 151 1.16 -1.75 5.07
CA GLU B 151 0.04 -0.80 5.05
C GLU B 151 0.52 0.60 4.73
N VAL B 152 1.84 0.77 4.61
CA VAL B 152 2.40 2.08 4.37
C VAL B 152 2.84 2.35 2.94
N ASN B 153 2.23 3.39 2.36
CA ASN B 153 2.53 3.80 0.99
C ASN B 153 3.61 4.88 0.87
N TYR B 154 4.05 5.47 1.99
CA TYR B 154 5.06 6.52 1.90
C TYR B 154 6.02 6.40 3.05
N TRP B 155 7.28 6.30 2.71
CA TRP B 155 8.30 6.15 3.72
C TRP B 155 9.34 7.23 3.57
N THR B 156 9.93 7.63 4.70
CA THR B 156 11.03 8.58 4.73
C THR B 156 11.99 7.95 5.74
N THR B 157 13.27 8.04 5.48
CA THR B 157 14.24 7.45 6.38
C THR B 157 14.48 8.35 7.62
N PHE B 158 15.27 9.41 7.47
CA PHE B 158 15.56 10.32 8.59
C PHE B 158 14.84 11.64 8.48
N ASN B 159 14.59 12.26 9.62
CA ASN B 159 13.96 13.58 9.63
C ASN B 159 15.02 14.59 10.10
N GLU B 160 15.33 15.54 9.22
CA GLU B 160 16.29 16.62 9.53
C GLU B 160 17.66 16.23 10.04
N ILE B 161 18.51 15.74 9.14
CA ILE B 161 19.87 15.36 9.50
C ILE B 161 20.69 16.60 9.90
N GLY B 162 20.53 17.69 9.15
CA GLY B 162 21.21 18.92 9.47
C GLY B 162 21.00 19.25 10.93
N PRO B 163 19.74 19.45 11.36
CA PRO B 163 19.33 19.75 12.72
C PRO B 163 19.76 18.73 13.78
N ILE B 164 20.19 17.56 13.34
CA ILE B 164 20.64 16.55 14.28
C ILE B 164 22.10 16.85 14.60
N GLY B 165 22.89 17.06 13.58
CA GLY B 165 24.29 17.32 13.80
C GLY B 165 24.43 18.65 14.49
N ASP B 166 23.55 19.58 14.10
CA ASP B 166 23.53 20.92 14.64
C ASP B 166 23.26 20.90 16.14
N GLY B 167 22.10 20.40 16.53
CA GLY B 167 21.76 20.39 17.95
C GLY B 167 22.53 19.44 18.80
N GLN B 168 23.20 18.50 18.15
CA GLN B 168 23.94 17.49 18.87
C GLN B 168 25.40 17.79 19.10
N TYR B 169 26.06 18.27 18.05
CA TYR B 169 27.48 18.56 18.05
C TYR B 169 27.92 20.01 17.92
N LEU B 170 27.05 20.87 17.41
CA LEU B 170 27.32 22.31 17.19
C LEU B 170 26.75 23.23 18.27
N VAL B 171 25.44 23.19 18.45
CA VAL B 171 24.77 24.01 19.45
C VAL B 171 24.80 23.32 20.79
N GLY B 172 24.83 21.99 20.79
CA GLY B 172 24.85 21.27 22.06
C GLY B 172 23.55 21.28 22.87
N LYS B 173 22.41 21.48 22.23
CA LYS B 173 21.13 21.45 22.94
C LYS B 173 20.47 20.04 22.93
N PHE B 174 20.87 19.18 21.99
CA PHE B 174 20.35 17.81 21.90
C PHE B 174 21.47 16.96 22.51
N PRO B 175 21.15 15.80 23.10
CA PRO B 175 22.18 14.94 23.69
C PRO B 175 23.13 14.54 22.56
N PRO B 176 24.43 14.35 22.85
CA PRO B 176 25.17 14.46 24.10
C PRO B 176 25.46 15.88 24.57
N GLY B 177 25.14 16.87 23.75
CA GLY B 177 25.38 18.24 24.17
C GLY B 177 26.76 18.80 23.96
N ILE B 178 27.37 18.42 22.83
CA ILE B 178 28.70 18.88 22.46
C ILE B 178 28.60 20.21 21.74
N LYS B 179 29.43 21.17 22.12
CA LYS B 179 29.40 22.48 21.47
C LYS B 179 30.55 22.65 20.50
N TYR B 180 30.29 23.41 19.45
CA TYR B 180 31.28 23.69 18.41
C TYR B 180 32.18 22.57 17.83
N ASP B 181 31.65 21.36 17.63
CA ASP B 181 32.44 20.27 17.03
C ASP B 181 32.04 20.19 15.57
N LEU B 182 32.68 20.98 14.72
CA LEU B 182 32.37 20.96 13.29
C LEU B 182 32.86 19.74 12.52
N ALA B 183 33.64 18.90 13.17
CA ALA B 183 34.13 17.68 12.50
C ALA B 183 33.03 16.62 12.64
N LYS B 184 32.55 16.47 13.88
CA LYS B 184 31.48 15.54 14.15
C LYS B 184 30.26 15.92 13.33
N VAL B 185 29.92 17.21 13.31
CA VAL B 185 28.77 17.69 12.53
C VAL B 185 28.84 17.16 11.10
N PHE B 186 29.90 17.50 10.40
CA PHE B 186 30.08 17.06 9.02
C PHE B 186 30.14 15.56 8.83
N GLN B 187 30.69 14.85 9.82
CA GLN B 187 30.80 13.38 9.74
C GLN B 187 29.42 12.76 9.88
N SER B 188 28.68 13.20 10.88
CA SER B 188 27.33 12.73 11.12
C SER B 188 26.44 12.97 9.88
N HIS B 189 26.64 14.09 9.20
CA HIS B 189 25.87 14.42 8.00
C HIS B 189 26.14 13.40 6.89
N HIS B 190 27.39 12.99 6.80
CA HIS B 190 27.83 12.04 5.80
C HIS B 190 27.42 10.61 6.19
N ASN B 191 27.70 10.20 7.44
CA ASN B 191 27.34 8.85 7.91
C ASN B 191 25.85 8.61 7.82
N MET B 192 25.07 9.51 8.41
CA MET B 192 23.61 9.42 8.35
C MET B 192 23.14 9.36 6.90
N MET B 193 23.68 10.21 6.04
CA MET B 193 23.30 10.18 4.64
C MET B 193 23.68 8.88 3.96
N VAL B 194 24.74 8.23 4.43
CA VAL B 194 25.14 6.95 3.88
C VAL B 194 24.05 5.95 4.35
N SER B 195 23.63 6.01 5.61
CA SER B 195 22.60 5.12 6.14
C SER B 195 21.32 5.23 5.29
N HIS B 196 21.01 6.45 4.84
CA HIS B 196 19.83 6.70 4.01
C HIS B 196 20.02 6.06 2.63
N ALA B 197 21.08 6.43 1.93
CA ALA B 197 21.33 5.91 0.61
C ALA B 197 21.25 4.37 0.54
N ARG B 198 21.60 3.70 1.62
CA ARG B 198 21.54 2.26 1.67
C ARG B 198 20.11 1.74 1.82
N ALA B 199 19.39 2.30 2.78
CA ALA B 199 18.02 1.90 3.02
C ALA B 199 17.13 2.11 1.79
N VAL B 200 17.40 3.16 1.03
CA VAL B 200 16.60 3.47 -0.17
C VAL B 200 16.94 2.51 -1.31
N LYS B 201 18.21 2.17 -1.41
CA LYS B 201 18.67 1.23 -2.42
C LYS B 201 17.83 -0.03 -2.16
N LEU B 202 17.87 -0.46 -0.90
CA LEU B 202 17.18 -1.63 -0.43
C LEU B 202 15.67 -1.63 -0.70
N TYR B 203 14.97 -0.57 -0.29
CA TYR B 203 13.52 -0.47 -0.53
C TYR B 203 13.23 -0.56 -2.03
N LYS B 204 14.21 -0.17 -2.84
CA LYS B 204 14.00 -0.24 -4.28
C LYS B 204 14.25 -1.65 -4.83
N ASP B 205 15.38 -2.25 -4.45
CA ASP B 205 15.75 -3.60 -4.86
C ASP B 205 14.66 -4.64 -4.58
N LYS B 206 14.22 -4.71 -3.34
CA LYS B 206 13.15 -5.64 -2.97
C LYS B 206 11.79 -5.16 -3.52
N GLY B 207 11.83 -4.23 -4.46
CA GLY B 207 10.62 -3.72 -5.07
C GLY B 207 9.34 -3.58 -4.26
N TYR B 208 9.34 -2.77 -3.20
CA TYR B 208 8.10 -2.60 -2.47
C TYR B 208 7.25 -1.59 -3.23
N LYS B 209 5.94 -1.64 -3.03
CA LYS B 209 5.00 -0.77 -3.74
C LYS B 209 4.98 0.77 -3.60
N GLY B 210 5.14 1.29 -2.38
CA GLY B 210 5.10 2.74 -2.15
C GLY B 210 6.25 3.62 -2.60
N GLU B 211 6.36 4.80 -1.97
CA GLU B 211 7.43 5.78 -2.26
C GLU B 211 8.34 5.96 -1.06
N ILE B 212 9.61 6.22 -1.31
CA ILE B 212 10.61 6.44 -0.26
C ILE B 212 11.33 7.78 -0.55
N GLY B 213 11.62 8.56 0.49
CA GLY B 213 12.31 9.84 0.30
C GLY B 213 12.98 10.34 1.58
N VAL B 214 13.51 11.56 1.55
CA VAL B 214 14.17 12.19 2.71
C VAL B 214 13.44 13.44 3.17
N VAL B 215 13.56 13.77 4.45
CA VAL B 215 12.95 14.99 5.01
C VAL B 215 14.05 15.95 5.50
N HIS B 216 14.37 16.94 4.68
CA HIS B 216 15.42 17.92 4.97
C HIS B 216 15.03 19.32 5.44
N ALA B 217 15.77 19.82 6.42
CA ALA B 217 15.57 21.19 6.92
C ALA B 217 16.36 22.09 5.98
N LEU B 218 15.72 23.09 5.38
CA LEU B 218 16.45 23.96 4.47
C LEU B 218 16.27 25.46 4.73
N PRO B 219 16.82 25.97 5.85
CA PRO B 219 16.69 27.40 6.15
C PRO B 219 17.56 28.20 5.18
N THR B 220 16.93 29.12 4.46
CA THR B 220 17.59 29.95 3.48
C THR B 220 18.64 30.83 4.15
N LYS B 221 19.85 30.79 3.61
CA LYS B 221 20.94 31.58 4.15
C LYS B 221 21.18 32.75 3.18
N TYR B 222 21.13 33.97 3.71
CA TYR B 222 21.30 35.18 2.91
C TYR B 222 22.42 36.04 3.46
N PRO B 223 23.19 36.70 2.58
CA PRO B 223 24.27 37.55 3.11
C PRO B 223 23.61 38.81 3.69
N TYR B 224 24.11 39.28 4.83
CA TYR B 224 23.49 40.44 5.45
C TYR B 224 23.43 41.60 4.45
N ASP B 225 24.54 41.84 3.77
CA ASP B 225 24.66 42.91 2.78
C ASP B 225 25.16 42.26 1.50
N PRO B 226 24.24 42.00 0.56
CA PRO B 226 24.56 41.37 -0.73
C PRO B 226 25.75 41.99 -1.45
N GLU B 227 25.98 43.28 -1.21
CA GLU B 227 27.09 44.00 -1.84
C GLU B 227 28.45 43.64 -1.27
N ASN B 228 28.48 43.26 0.00
CA ASN B 228 29.73 42.89 0.65
C ASN B 228 30.04 41.40 0.39
N PRO B 229 31.09 41.13 -0.41
CA PRO B 229 31.54 39.79 -0.76
C PRO B 229 31.88 38.98 0.47
N ALA B 230 32.31 39.67 1.52
CA ALA B 230 32.65 39.00 2.76
C ALA B 230 31.38 38.39 3.33
N ASP B 231 30.24 39.07 3.10
CA ASP B 231 28.94 38.63 3.56
C ASP B 231 28.50 37.46 2.75
N VAL B 232 28.58 37.59 1.43
CA VAL B 232 28.23 36.53 0.50
C VAL B 232 28.96 35.22 0.86
N ARG B 233 30.29 35.28 0.98
CA ARG B 233 31.11 34.11 1.34
C ARG B 233 30.60 33.47 2.63
N ALA B 234 30.25 34.31 3.59
CA ALA B 234 29.77 33.86 4.89
C ALA B 234 28.45 33.09 4.78
N ALA B 235 27.50 33.62 4.01
CA ALA B 235 26.20 32.95 3.85
C ALA B 235 26.45 31.62 3.14
N GLU B 236 27.32 31.67 2.14
CA GLU B 236 27.70 30.49 1.37
C GLU B 236 28.25 29.36 2.26
N LEU B 237 29.22 29.66 3.12
CA LEU B 237 29.75 28.61 3.99
C LEU B 237 28.71 28.13 4.98
N GLU B 238 27.93 29.06 5.52
CA GLU B 238 26.89 28.76 6.50
C GLU B 238 25.86 27.84 5.86
N ASP B 239 25.58 28.08 4.59
CA ASP B 239 24.64 27.27 3.85
C ASP B 239 25.26 25.88 3.61
N ILE B 240 26.58 25.83 3.42
CA ILE B 240 27.30 24.58 3.20
C ILE B 240 27.22 23.67 4.45
N ILE B 241 27.30 24.29 5.62
CA ILE B 241 27.23 23.55 6.88
C ILE B 241 25.85 22.94 7.05
N HIS B 242 24.83 23.77 6.80
CA HIS B 242 23.43 23.39 6.99
C HIS B 242 22.62 22.77 5.84
N ASN B 243 22.92 23.16 4.61
CA ASN B 243 22.19 22.66 3.47
C ASN B 243 23.02 21.90 2.41
N LYS B 244 23.82 22.59 1.61
CA LYS B 244 24.62 21.98 0.53
C LYS B 244 25.30 20.64 0.73
N PHE B 245 26.02 20.44 1.82
CA PHE B 245 26.72 19.18 2.05
C PHE B 245 25.74 18.00 1.89
N ILE B 246 24.68 18.00 2.69
CA ILE B 246 23.64 16.99 2.66
C ILE B 246 22.90 16.96 1.30
N LEU B 247 22.42 18.09 0.81
CA LEU B 247 21.76 18.11 -0.47
C LEU B 247 22.61 17.40 -1.50
N ASP B 248 23.89 17.77 -1.57
CA ASP B 248 24.81 17.19 -2.55
C ASP B 248 24.86 15.68 -2.52
N ALA B 249 24.94 15.11 -1.32
CA ALA B 249 25.00 13.65 -1.15
C ALA B 249 23.70 13.04 -1.68
N THR B 250 22.61 13.70 -1.34
CA THR B 250 21.27 13.27 -1.74
C THR B 250 21.02 13.23 -3.24
N TYR B 251 21.83 13.92 -4.03
CA TYR B 251 21.58 13.94 -5.46
C TYR B 251 22.81 13.84 -6.37
N LEU B 252 23.92 14.45 -5.97
CA LEU B 252 25.12 14.36 -6.78
C LEU B 252 25.86 13.07 -6.47
N GLY B 253 25.50 12.46 -5.34
CA GLY B 253 26.16 11.21 -4.97
C GLY B 253 27.53 11.46 -4.39
N HIS B 254 27.95 12.72 -4.43
CA HIS B 254 29.24 13.14 -3.96
C HIS B 254 29.18 14.64 -3.61
N TYR B 255 30.22 15.14 -2.95
CA TYR B 255 30.28 16.54 -2.55
C TYR B 255 30.96 17.39 -3.64
N SER B 256 30.25 18.41 -4.11
CA SER B 256 30.74 19.29 -5.15
C SER B 256 32.01 20.01 -4.73
N ASP B 257 32.73 20.53 -5.72
CA ASP B 257 33.98 21.20 -5.44
C ASP B 257 33.83 22.39 -4.48
N LYS B 258 32.84 23.24 -4.70
CA LYS B 258 32.62 24.36 -3.79
C LYS B 258 32.35 23.80 -2.38
N THR B 259 31.59 22.71 -2.32
CA THR B 259 31.26 22.09 -1.06
C THR B 259 32.50 21.62 -0.33
N MET B 260 33.38 20.90 -1.01
CA MET B 260 34.57 20.42 -0.35
C MET B 260 35.54 21.56 -0.05
N GLU B 261 35.55 22.59 -0.88
CA GLU B 261 36.44 23.71 -0.64
C GLU B 261 36.02 24.39 0.67
N GLY B 262 34.72 24.62 0.80
CA GLY B 262 34.19 25.26 1.99
C GLY B 262 34.40 24.44 3.24
N VAL B 263 34.21 23.14 3.13
CA VAL B 263 34.39 22.24 4.27
C VAL B 263 35.84 22.19 4.70
N ASN B 264 36.74 22.28 3.72
CA ASN B 264 38.18 22.26 3.96
C ASN B 264 38.53 23.48 4.76
N HIS B 265 37.96 24.59 4.34
CA HIS B 265 38.17 25.87 4.99
C HIS B 265 37.66 25.78 6.43
N ILE B 266 36.38 25.53 6.58
CA ILE B 266 35.77 25.44 7.88
C ILE B 266 36.57 24.54 8.79
N LEU B 267 36.96 23.36 8.32
CA LEU B 267 37.70 22.45 9.18
C LEU B 267 39.11 22.96 9.52
N ALA B 268 39.79 23.58 8.56
CA ALA B 268 41.13 24.11 8.81
C ALA B 268 41.14 25.12 9.95
N GLU B 269 40.23 26.10 9.88
CA GLU B 269 40.10 27.17 10.90
C GLU B 269 39.63 26.72 12.29
N ASN B 270 38.91 25.61 12.34
CA ASN B 270 38.37 25.08 13.60
C ASN B 270 38.93 23.71 14.00
N GLY B 271 39.78 23.14 13.15
CA GLY B 271 40.34 21.83 13.41
C GLY B 271 39.37 20.73 12.99
N GLY B 272 39.87 19.51 12.85
CA GLY B 272 38.98 18.43 12.47
C GLY B 272 39.42 17.59 11.29
N GLU B 273 38.81 16.41 11.19
CA GLU B 273 39.10 15.45 10.14
C GLU B 273 37.86 14.66 9.74
N LEU B 274 37.79 14.27 8.47
CA LEU B 274 36.66 13.50 7.98
C LEU B 274 37.10 12.16 7.42
N ASP B 275 36.41 11.12 7.88
CA ASP B 275 36.65 9.74 7.46
C ASP B 275 35.68 9.43 6.32
N LEU B 276 36.14 9.59 5.09
CA LEU B 276 35.26 9.35 3.96
C LEU B 276 35.75 8.16 3.15
N ARG B 277 35.08 7.03 3.32
CA ARG B 277 35.43 5.84 2.59
C ARG B 277 34.86 5.89 1.18
N ASP B 278 35.58 5.27 0.24
CA ASP B 278 35.17 5.21 -1.16
C ASP B 278 33.88 4.37 -1.30
N GLU B 279 33.71 3.41 -0.40
CA GLU B 279 32.51 2.59 -0.43
C GLU B 279 31.28 3.47 -0.16
N ASP B 280 31.47 4.52 0.66
CA ASP B 280 30.41 5.46 1.00
C ASP B 280 29.89 6.16 -0.25
N PHE B 281 30.77 6.44 -1.20
CA PHE B 281 30.34 7.10 -2.42
C PHE B 281 29.70 6.14 -3.42
N GLN B 282 29.93 4.85 -3.22
CA GLN B 282 29.32 3.84 -4.07
C GLN B 282 27.85 3.80 -3.66
N ALA B 283 27.64 3.81 -2.34
CA ALA B 283 26.31 3.80 -1.78
C ALA B 283 25.59 5.07 -2.22
N LEU B 284 26.21 6.22 -1.98
CA LEU B 284 25.64 7.53 -2.32
C LEU B 284 25.31 7.69 -3.82
N ASP B 285 26.20 7.18 -4.67
CA ASP B 285 26.00 7.29 -6.11
C ASP B 285 24.83 6.39 -6.53
N ALA B 286 24.75 5.22 -5.91
CA ALA B 286 23.70 4.26 -6.20
C ALA B 286 22.32 4.85 -5.96
N ALA B 287 22.14 5.45 -4.79
CA ALA B 287 20.87 6.02 -4.39
C ALA B 287 20.54 7.43 -4.86
N LYS B 288 21.49 8.11 -5.50
CA LYS B 288 21.28 9.48 -5.94
C LYS B 288 19.97 9.76 -6.70
N ASP B 289 19.62 8.89 -7.63
CA ASP B 289 18.39 9.10 -8.41
C ASP B 289 17.18 8.27 -7.95
N LEU B 290 17.33 7.56 -6.83
CA LEU B 290 16.25 6.71 -6.30
C LEU B 290 15.12 7.42 -5.56
N ASN B 291 15.46 8.43 -4.75
CA ASN B 291 14.50 9.21 -3.96
C ASN B 291 13.25 9.61 -4.75
N ASP B 292 12.06 9.31 -4.23
CA ASP B 292 10.79 9.64 -4.91
C ASP B 292 10.27 11.06 -4.68
N PHE B 293 10.62 11.62 -3.54
CA PHE B 293 10.22 12.97 -3.20
C PHE B 293 11.21 13.53 -2.21
N LEU B 294 11.19 14.85 -2.08
CA LEU B 294 12.04 15.57 -1.13
C LEU B 294 11.05 16.27 -0.18
N GLY B 295 11.26 16.08 1.13
CA GLY B 295 10.42 16.71 2.12
C GLY B 295 11.24 17.90 2.63
N ILE B 296 10.74 19.11 2.44
CA ILE B 296 11.46 20.30 2.90
C ILE B 296 10.81 20.91 4.14
N ASN B 297 11.47 20.84 5.29
CA ASN B 297 10.94 21.43 6.52
C ASN B 297 11.51 22.85 6.53
N TYR B 298 10.67 23.87 6.62
CA TYR B 298 11.18 25.23 6.60
C TYR B 298 10.46 26.11 7.62
N TYR B 299 11.23 26.87 8.41
CA TYR B 299 10.64 27.77 9.42
C TYR B 299 11.08 29.21 9.27
N MET B 300 12.37 29.39 9.01
CA MET B 300 12.87 30.75 8.89
C MET B 300 14.12 30.81 8.03
N SER B 301 14.57 32.02 7.70
CA SER B 301 15.80 32.25 6.94
C SER B 301 16.82 32.84 7.91
N ASP B 302 18.06 32.95 7.47
CA ASP B 302 19.15 33.46 8.28
C ASP B 302 20.00 34.40 7.48
N TRP B 303 20.47 35.47 8.12
CA TRP B 303 21.33 36.45 7.45
C TRP B 303 22.68 36.35 8.09
N MET B 304 23.73 36.40 7.28
CA MET B 304 25.10 36.24 7.77
C MET B 304 26.03 37.36 7.37
N GLN B 305 26.93 37.74 8.28
CA GLN B 305 27.95 38.76 7.99
C GLN B 305 29.25 38.18 8.49
N ALA B 306 30.35 38.46 7.78
CA ALA B 306 31.66 37.95 8.18
C ALA B 306 31.91 38.31 9.63
N PHE B 307 32.78 37.57 10.30
CA PHE B 307 33.05 37.83 11.70
C PHE B 307 34.32 37.05 12.04
N ASP B 308 35.42 37.74 12.29
CA ASP B 308 36.71 37.12 12.60
C ASP B 308 37.00 36.69 14.05
N GLY B 309 35.99 36.76 14.92
CA GLY B 309 36.24 36.40 16.31
C GLY B 309 36.07 34.92 16.58
N GLU B 310 35.91 34.59 17.85
CA GLU B 310 35.78 33.21 18.28
C GLU B 310 34.34 32.69 18.29
N THR B 311 34.17 31.39 18.04
CA THR B 311 32.83 30.80 18.01
C THR B 311 32.09 30.81 19.36
N GLU B 312 30.88 31.33 19.35
CA GLU B 312 30.09 31.40 20.56
C GLU B 312 28.68 31.17 20.05
N ILE B 313 27.92 30.30 20.72
CA ILE B 313 26.53 30.01 20.35
C ILE B 313 25.63 29.83 21.59
N ILE B 314 24.62 30.69 21.71
CA ILE B 314 23.69 30.61 22.84
C ILE B 314 22.29 30.32 22.30
N HIS B 315 21.66 29.26 22.79
CA HIS B 315 20.33 28.89 22.37
C HIS B 315 19.30 29.56 23.27
N ASN B 316 18.34 30.27 22.66
CA ASN B 316 17.27 30.90 23.41
C ASN B 316 16.17 29.84 23.59
N GLY B 317 16.11 29.20 24.75
CA GLY B 317 15.10 28.18 24.98
C GLY B 317 13.92 28.62 25.81
N LYS B 318 14.11 29.66 26.61
CA LYS B 318 13.03 30.15 27.46
C LYS B 318 12.18 31.22 26.79
N GLY B 319 12.45 31.53 25.54
CA GLY B 319 11.65 32.54 24.87
C GLY B 319 11.90 33.93 25.39
N GLU B 320 13.17 34.30 25.43
CA GLU B 320 13.58 35.63 25.90
C GLU B 320 14.19 36.30 24.69
N LYS B 321 13.32 36.96 23.93
CA LYS B 321 13.74 37.66 22.72
C LYS B 321 15.09 38.31 22.90
N GLY B 322 15.97 38.10 21.94
CA GLY B 322 17.29 38.68 22.03
C GLY B 322 18.35 37.84 22.69
N SER B 323 17.98 36.75 23.35
CA SER B 323 19.01 35.92 24.00
C SER B 323 19.79 35.00 23.06
N SER B 324 19.35 34.88 21.81
CA SER B 324 20.02 34.01 20.81
C SER B 324 21.32 34.61 20.33
N LYS B 325 22.34 33.77 20.18
CA LYS B 325 23.64 34.21 19.65
C LYS B 325 24.32 33.12 18.83
N TYR B 326 24.76 33.46 17.63
CA TYR B 326 25.40 32.49 16.77
C TYR B 326 26.59 33.01 15.97
N GLN B 327 27.79 32.76 16.46
CA GLN B 327 28.97 33.15 15.67
C GLN B 327 29.96 31.99 15.61
N ILE B 328 30.39 31.66 14.39
CA ILE B 328 31.36 30.60 14.15
C ILE B 328 32.62 31.12 13.48
N LYS B 329 33.77 30.74 14.03
CA LYS B 329 35.02 31.19 13.46
C LYS B 329 35.19 30.72 12.03
N GLY B 330 35.73 31.61 11.22
CA GLY B 330 35.96 31.28 9.82
C GLY B 330 34.67 31.25 9.01
N VAL B 331 33.52 31.26 9.68
CA VAL B 331 32.23 31.22 9.00
C VAL B 331 31.52 32.59 9.05
N GLY B 332 31.08 32.99 10.22
CA GLY B 332 30.40 34.26 10.30
C GLY B 332 29.45 34.37 11.46
N ARG B 333 28.66 35.42 11.46
CA ARG B 333 27.71 35.57 12.52
C ARG B 333 26.39 35.89 11.90
N ARG B 334 25.33 35.47 12.60
CA ARG B 334 23.96 35.70 12.17
C ARG B 334 23.46 36.99 12.83
N VAL B 335 22.96 37.91 11.98
CA VAL B 335 22.44 39.19 12.43
C VAL B 335 21.07 39.34 11.83
N ALA B 336 20.06 39.32 12.69
CA ALA B 336 18.70 39.48 12.22
C ALA B 336 18.63 40.86 11.54
N PRO B 337 17.98 40.95 10.37
CA PRO B 337 17.85 42.23 9.67
C PRO B 337 17.08 43.14 10.60
N ASP B 338 17.02 44.42 10.30
CA ASP B 338 16.36 45.30 11.23
C ASP B 338 14.89 45.21 11.59
N TYR B 339 14.01 45.13 10.62
CA TYR B 339 12.61 45.09 11.02
C TYR B 339 11.79 43.89 10.61
N VAL B 340 12.43 42.74 10.37
CA VAL B 340 11.66 41.57 9.99
C VAL B 340 11.01 41.07 11.24
N PRO B 341 9.80 40.55 11.13
CA PRO B 341 9.20 40.06 12.36
C PRO B 341 9.99 38.88 12.91
N ARG B 342 9.87 38.64 14.19
CA ARG B 342 10.53 37.51 14.85
C ARG B 342 9.71 37.31 16.10
N THR B 343 9.81 36.12 16.68
CA THR B 343 9.05 35.81 17.88
C THR B 343 9.93 35.81 19.11
N ASP B 344 9.38 35.48 20.26
CA ASP B 344 10.19 35.43 21.48
C ASP B 344 11.40 34.51 21.41
N TRP B 345 11.29 33.46 20.62
CA TRP B 345 12.40 32.52 20.51
C TRP B 345 13.40 32.97 19.47
N ASP B 346 13.18 34.15 18.92
CA ASP B 346 14.05 34.77 17.90
C ASP B 346 13.98 34.17 16.51
N TRP B 347 12.92 33.43 16.22
CA TRP B 347 12.79 32.84 14.89
C TRP B 347 12.21 33.92 13.99
N ILE B 348 12.90 34.23 12.90
CA ILE B 348 12.46 35.27 11.96
C ILE B 348 11.36 34.83 11.01
N ILE B 349 10.34 35.68 10.83
CA ILE B 349 9.25 35.37 9.93
C ILE B 349 9.51 35.97 8.53
N TYR B 350 9.93 35.13 7.59
CA TYR B 350 10.24 35.55 6.22
C TYR B 350 9.77 34.42 5.26
N PRO B 351 8.52 34.49 4.77
CA PRO B 351 7.92 33.50 3.86
C PRO B 351 8.68 33.33 2.55
N GLU B 352 9.10 34.48 2.01
CA GLU B 352 9.84 34.55 0.74
C GLU B 352 11.06 33.63 0.69
N GLY B 353 11.55 33.23 1.85
CA GLY B 353 12.72 32.35 1.89
C GLY B 353 12.36 30.97 1.38
N LEU B 354 11.13 30.54 1.62
CA LEU B 354 10.68 29.23 1.18
C LEU B 354 10.74 29.18 -0.32
N TYR B 355 10.16 30.18 -0.97
CA TYR B 355 10.17 30.27 -2.43
C TYR B 355 11.59 30.14 -2.96
N ASP B 356 12.52 30.92 -2.39
CA ASP B 356 13.93 30.86 -2.80
C ASP B 356 14.57 29.50 -2.58
N GLN B 357 14.17 28.77 -1.54
CA GLN B 357 14.73 27.45 -1.28
C GLN B 357 14.22 26.43 -2.31
N ILE B 358 12.94 26.53 -2.62
CA ILE B 358 12.28 25.68 -3.61
C ILE B 358 12.91 25.88 -5.00
N MET B 359 13.14 27.13 -5.41
CA MET B 359 13.75 27.36 -6.72
C MET B 359 15.24 27.05 -6.75
N ARG B 360 15.87 26.88 -5.59
CA ARG B 360 17.28 26.56 -5.56
C ARG B 360 17.47 25.04 -5.68
N VAL B 361 16.70 24.28 -4.91
CA VAL B 361 16.75 22.82 -4.98
C VAL B 361 16.43 22.44 -6.42
N LYS B 362 15.35 23.01 -6.92
CA LYS B 362 14.86 22.79 -8.27
C LYS B 362 15.89 23.04 -9.37
N ASN B 363 16.73 24.05 -9.16
CA ASN B 363 17.77 24.41 -10.15
C ASN B 363 19.08 23.67 -9.96
N ASP B 364 19.50 23.51 -8.70
CA ASP B 364 20.76 22.86 -8.39
C ASP B 364 20.64 21.32 -8.44
N TYR B 365 19.42 20.83 -8.26
CA TYR B 365 19.17 19.39 -8.25
C TYR B 365 17.83 19.21 -8.94
N PRO B 366 17.85 19.25 -10.28
CA PRO B 366 16.68 19.10 -11.14
C PRO B 366 16.01 17.74 -10.97
N ASN B 367 16.78 16.76 -10.49
CA ASN B 367 16.27 15.40 -10.26
C ASN B 367 15.55 15.21 -8.92
N TYR B 368 15.10 16.31 -8.31
CA TYR B 368 14.40 16.21 -7.02
C TYR B 368 13.04 15.53 -7.23
N LYS B 369 12.56 15.56 -8.47
CA LYS B 369 11.29 14.96 -8.87
C LYS B 369 10.01 15.53 -8.26
N LYS B 370 9.89 15.46 -6.93
CA LYS B 370 8.68 15.92 -6.25
C LYS B 370 9.03 16.50 -4.89
N ILE B 371 8.35 17.57 -4.50
CA ILE B 371 8.60 18.21 -3.20
C ILE B 371 7.35 18.28 -2.36
N TYR B 372 7.50 17.96 -1.08
CA TYR B 372 6.43 18.03 -0.12
C TYR B 372 6.99 18.97 0.94
N ILE B 373 6.17 19.89 1.46
CA ILE B 373 6.64 20.74 2.56
C ILE B 373 6.19 19.95 3.78
N THR B 374 7.06 19.03 4.18
CA THR B 374 6.85 18.17 5.31
C THR B 374 6.75 18.81 6.70
N CYS B 375 6.99 20.13 6.83
CA CYS B 375 6.92 20.85 8.12
C CYS B 375 7.03 22.39 7.98
N ASN B 376 6.04 23.08 8.54
CA ASN B 376 6.00 24.54 8.57
C ASN B 376 4.97 24.92 9.62
N GLY B 377 5.29 25.90 10.46
CA GLY B 377 4.36 26.33 11.50
C GLY B 377 4.96 27.45 12.34
N LEU B 378 4.14 28.04 13.22
CA LEU B 378 4.58 29.14 14.09
C LEU B 378 4.47 28.72 15.56
N GLY B 379 5.59 28.57 16.25
CA GLY B 379 5.53 28.18 17.65
C GLY B 379 5.46 29.36 18.60
N TYR B 380 4.49 29.35 19.51
CA TYR B 380 4.33 30.46 20.46
C TYR B 380 3.26 30.22 21.51
N LYS B 381 3.39 30.94 22.62
CA LYS B 381 2.46 30.79 23.72
C LYS B 381 1.04 31.27 23.44
N ASP B 382 0.20 30.38 22.94
CA ASP B 382 -1.17 30.79 22.67
C ASP B 382 -1.81 31.04 24.01
N GLU B 383 -2.96 31.68 23.98
CA GLU B 383 -3.70 31.94 25.20
C GLU B 383 -4.98 31.15 25.04
N PHE B 384 -5.21 30.19 25.94
CA PHE B 384 -6.42 29.41 25.85
C PHE B 384 -7.56 30.25 26.40
N VAL B 385 -8.51 30.59 25.53
CA VAL B 385 -9.65 31.41 25.89
C VAL B 385 -10.92 30.93 25.19
N ASP B 386 -11.98 30.78 25.96
CA ASP B 386 -13.28 30.33 25.43
C ASP B 386 -13.20 28.93 24.77
N ASN B 387 -12.44 28.01 25.38
CA ASN B 387 -12.31 26.65 24.85
C ASN B 387 -11.73 26.64 23.44
N THR B 388 -10.84 27.60 23.17
CA THR B 388 -10.17 27.73 21.87
C THR B 388 -9.01 28.64 22.11
N VAL B 389 -8.41 29.09 21.02
CA VAL B 389 -7.28 29.97 21.03
C VAL B 389 -7.53 30.65 19.73
N TYR B 390 -7.30 31.95 19.69
CA TYR B 390 -7.54 32.70 18.49
C TYR B 390 -6.19 32.96 17.85
N ASP B 391 -5.60 31.93 17.30
CA ASP B 391 -4.25 32.11 16.73
C ASP B 391 -4.10 32.76 15.38
N ASP B 392 -4.66 33.96 15.24
CA ASP B 392 -4.58 34.72 13.99
C ASP B 392 -3.14 34.88 13.56
N GLY B 393 -2.25 34.97 14.53
CA GLY B 393 -0.83 35.10 14.22
C GLY B 393 -0.37 33.88 13.44
N ARG B 394 -0.79 32.70 13.91
CA ARG B 394 -0.45 31.43 13.27
C ARG B 394 -1.13 31.40 11.91
N ILE B 395 -2.39 31.79 11.88
CA ILE B 395 -3.11 31.81 10.61
C ILE B 395 -2.43 32.70 9.62
N ASP B 396 -1.92 33.83 10.08
CA ASP B 396 -1.21 34.79 9.21
C ASP B 396 0.12 34.23 8.71
N TYR B 397 0.80 33.48 9.58
CA TYR B 397 2.09 32.86 9.22
C TYR B 397 1.84 31.76 8.14
N VAL B 398 0.97 30.78 8.43
CA VAL B 398 0.70 29.71 7.46
C VAL B 398 0.18 30.28 6.14
N LYS B 399 -0.86 31.09 6.21
CA LYS B 399 -1.42 31.72 5.03
C LYS B 399 -0.37 32.42 4.16
N GLN B 400 0.68 32.96 4.76
CA GLN B 400 1.72 33.67 4.02
C GLN B 400 2.65 32.73 3.29
N HIS B 401 2.93 31.60 3.90
CA HIS B 401 3.78 30.60 3.26
C HIS B 401 3.00 29.84 2.16
N LEU B 402 1.78 29.42 2.46
CA LEU B 402 0.96 28.75 1.47
C LEU B 402 0.87 29.55 0.17
N GLU B 403 0.76 30.87 0.28
CA GLU B 403 0.73 31.77 -0.90
C GLU B 403 2.03 31.68 -1.66
N VAL B 404 3.14 31.57 -0.94
CA VAL B 404 4.42 31.45 -1.58
C VAL B 404 4.56 30.08 -2.29
N LEU B 405 3.98 29.03 -1.72
CA LEU B 405 4.02 27.71 -2.37
C LEU B 405 3.19 27.83 -3.66
N SER B 406 2.00 28.40 -3.54
CA SER B 406 1.09 28.63 -4.66
C SER B 406 1.77 29.37 -5.81
N ASP B 407 2.85 30.08 -5.50
CA ASP B 407 3.61 30.78 -6.53
C ASP B 407 4.67 29.85 -7.06
N ALA B 408 5.52 29.33 -6.17
CA ALA B 408 6.59 28.42 -6.58
C ALA B 408 6.02 27.29 -7.42
N ILE B 409 4.76 26.93 -7.19
CA ILE B 409 4.13 25.88 -7.98
C ILE B 409 3.94 26.42 -9.40
N ALA B 410 3.24 27.54 -9.49
CA ALA B 410 2.96 28.21 -10.76
C ALA B 410 4.23 28.43 -11.61
N ASP B 411 5.34 28.69 -10.92
CA ASP B 411 6.62 28.95 -11.56
C ASP B 411 7.41 27.70 -11.93
N GLY B 412 6.71 26.57 -11.96
CA GLY B 412 7.34 25.32 -12.36
C GLY B 412 7.93 24.41 -11.30
N ALA B 413 7.66 24.67 -10.02
CA ALA B 413 8.17 23.79 -8.98
C ALA B 413 7.12 22.73 -8.66
N ASN B 414 7.54 21.46 -8.64
CA ASN B 414 6.63 20.36 -8.36
C ASN B 414 6.38 20.14 -6.87
N VAL B 415 5.44 20.91 -6.31
CA VAL B 415 5.10 20.80 -4.89
C VAL B 415 3.78 20.05 -4.80
N LYS B 416 3.73 19.01 -3.98
CA LYS B 416 2.51 18.20 -3.87
C LYS B 416 1.73 18.19 -2.56
N GLY B 417 2.26 18.81 -1.51
CA GLY B 417 1.53 18.81 -0.26
C GLY B 417 2.17 19.67 0.80
N TYR B 418 1.44 19.94 1.87
CA TYR B 418 1.91 20.76 2.96
C TYR B 418 1.55 20.10 4.27
N PHE B 419 2.52 20.00 5.16
CA PHE B 419 2.33 19.40 6.45
C PHE B 419 2.62 20.47 7.48
N ILE B 420 1.60 20.81 8.28
CA ILE B 420 1.76 21.81 9.28
C ILE B 420 2.28 21.23 10.56
N TRP B 421 3.42 21.74 11.03
CA TRP B 421 3.96 21.28 12.29
C TRP B 421 3.23 22.19 13.25
N SER B 422 2.39 21.66 14.15
CA SER B 422 2.12 20.24 14.29
C SER B 422 0.61 20.06 14.38
N LEU B 423 0.16 18.83 14.18
CA LEU B 423 -1.26 18.55 14.22
C LEU B 423 -1.88 18.99 15.52
N MET B 424 -1.25 18.60 16.62
CA MET B 424 -1.73 18.94 17.95
C MET B 424 -0.55 19.40 18.81
N ASP B 425 -0.84 20.09 19.91
CA ASP B 425 0.24 20.60 20.76
C ASP B 425 1.09 19.53 21.38
N VAL B 426 2.39 19.60 21.15
CA VAL B 426 3.37 18.68 21.72
C VAL B 426 4.52 19.53 22.31
N PHE B 427 5.21 19.00 23.32
CA PHE B 427 6.32 19.74 23.88
C PHE B 427 7.42 19.84 22.80
N SER B 428 8.30 20.81 22.96
CA SER B 428 9.41 21.03 22.05
C SER B 428 10.60 20.39 22.71
N TRP B 429 11.52 19.87 21.90
CA TRP B 429 12.68 19.18 22.41
C TRP B 429 13.50 20.04 23.35
N SER B 430 13.78 21.27 22.92
CA SER B 430 14.59 22.19 23.71
C SER B 430 13.92 23.49 24.18
N ASN B 431 12.59 23.61 24.04
CA ASN B 431 11.90 24.81 24.48
C ASN B 431 10.72 24.47 25.37
N GLY B 432 10.69 23.25 25.90
CA GLY B 432 9.60 22.84 26.76
C GLY B 432 8.19 22.76 26.16
N TYR B 433 7.20 22.65 27.06
CA TYR B 433 5.80 22.55 26.65
C TYR B 433 5.15 23.90 26.37
N GLU B 434 5.89 24.99 26.58
CA GLU B 434 5.39 26.35 26.37
C GLU B 434 5.30 26.74 24.89
N LYS B 435 6.28 26.33 24.11
CA LYS B 435 6.32 26.66 22.69
C LYS B 435 5.37 25.78 21.90
N ARG B 436 4.09 26.15 21.87
CA ARG B 436 3.03 25.41 21.17
C ARG B 436 2.92 25.71 19.69
N TYR B 437 2.68 24.69 18.87
CA TYR B 437 2.53 24.91 17.42
C TYR B 437 1.20 24.38 16.87
N GLY B 438 0.50 23.61 17.67
CA GLY B 438 -0.70 22.94 17.20
C GLY B 438 -1.93 23.56 16.56
N LEU B 439 -2.57 22.77 15.69
CA LEU B 439 -3.83 23.13 15.07
C LEU B 439 -4.87 22.84 16.17
N PHE B 440 -4.50 21.95 17.09
CA PHE B 440 -5.40 21.60 18.19
C PHE B 440 -4.69 21.82 19.52
N TYR B 441 -5.41 22.42 20.44
CA TYR B 441 -4.91 22.75 21.75
C TYR B 441 -5.04 21.57 22.71
N VAL B 442 -3.90 21.09 23.19
CA VAL B 442 -3.88 20.00 24.14
C VAL B 442 -3.77 20.59 25.54
N ASP B 443 -4.71 20.29 26.41
CA ASP B 443 -4.63 20.74 27.79
C ASP B 443 -3.83 19.61 28.45
N PHE B 444 -2.53 19.80 28.59
CA PHE B 444 -1.65 18.77 29.18
C PHE B 444 -2.01 18.12 30.50
N ASP B 445 -3.11 18.55 31.12
CA ASP B 445 -3.55 17.95 32.38
C ASP B 445 -4.59 16.86 32.11
N THR B 446 -5.65 17.24 31.41
CA THR B 446 -6.70 16.30 31.12
C THR B 446 -6.45 15.61 29.78
N GLN B 447 -5.51 16.19 29.02
CA GLN B 447 -5.14 15.70 27.69
C GLN B 447 -6.27 15.90 26.70
N GLU B 448 -7.24 16.74 27.08
CA GLU B 448 -8.39 17.02 26.22
C GLU B 448 -7.98 17.99 25.14
N ARG B 449 -8.39 17.71 23.91
CA ARG B 449 -8.05 18.54 22.74
C ARG B 449 -9.13 19.55 22.42
N TYR B 450 -8.70 20.67 21.84
CA TYR B 450 -9.62 21.73 21.45
C TYR B 450 -9.23 22.29 20.10
N PRO B 451 -10.21 22.45 19.21
CA PRO B 451 -9.84 23.01 17.92
C PRO B 451 -9.53 24.50 18.10
N LYS B 452 -8.43 24.97 17.51
CA LYS B 452 -8.01 26.35 17.59
C LYS B 452 -8.62 27.10 16.42
N LYS B 453 -8.51 28.42 16.41
CA LYS B 453 -9.08 29.16 15.30
C LYS B 453 -8.45 28.72 13.99
N SER B 454 -7.21 28.25 14.05
CA SER B 454 -6.53 27.78 12.85
C SER B 454 -7.09 26.43 12.41
N ALA B 455 -7.54 25.60 13.35
CA ALA B 455 -8.10 24.31 12.99
C ALA B 455 -9.27 24.57 12.02
N HIS B 456 -10.16 25.49 12.40
CA HIS B 456 -11.31 25.85 11.57
C HIS B 456 -10.89 26.48 10.28
N TRP B 457 -9.83 27.28 10.33
CA TRP B 457 -9.36 27.95 9.12
C TRP B 457 -8.79 26.94 8.12
N TYR B 458 -8.01 26.00 8.62
CA TYR B 458 -7.37 24.96 7.82
C TYR B 458 -8.43 24.10 7.12
N LYS B 459 -9.52 23.79 7.82
CA LYS B 459 -10.61 23.01 7.23
C LYS B 459 -11.10 23.70 5.96
N LYS B 460 -11.39 25.00 6.07
CA LYS B 460 -11.88 25.79 4.95
C LYS B 460 -10.94 25.71 3.78
N LEU B 461 -9.65 25.77 4.08
CA LEU B 461 -8.61 25.72 3.06
C LEU B 461 -8.59 24.35 2.44
N ALA B 462 -8.60 23.34 3.30
CA ALA B 462 -8.57 21.94 2.88
C ALA B 462 -9.62 21.68 1.83
N GLU B 463 -10.86 22.00 2.15
CA GLU B 463 -11.99 21.79 1.25
C GLU B 463 -12.34 22.93 0.29
N THR B 464 -11.39 23.79 -0.08
CA THR B 464 -11.70 24.89 -1.00
C THR B 464 -10.49 25.18 -1.84
N GLN B 465 -9.33 24.96 -1.25
CA GLN B 465 -8.04 25.22 -1.87
C GLN B 465 -7.89 26.65 -2.36
N VAL B 466 -8.54 27.58 -1.66
CA VAL B 466 -8.46 29.00 -1.95
C VAL B 466 -7.87 29.59 -0.70
N ILE B 467 -6.68 30.18 -0.82
CA ILE B 467 -6.01 30.78 0.33
C ILE B 467 -6.67 32.13 0.56
N GLU B 468 -7.67 32.08 1.43
CA GLU B 468 -8.50 33.20 1.80
C GLU B 468 -8.34 33.55 3.27
#